data_3B8X
#
_entry.id   3B8X
#
_cell.length_a   62.411
_cell.length_b   98.123
_cell.length_c   119.940
_cell.angle_alpha   90.000
_cell.angle_beta   90.000
_cell.angle_gamma   90.000
#
_symmetry.space_group_name_H-M   'P 21 21 21'
#
loop_
_entity.id
_entity.type
_entity.pdbx_description
1 polymer 'Pyridoxamine 5-phosphate-dependent dehydrase'
2 non-polymer 'SODIUM ION'
3 non-polymer '[(2R,3S,4R,5R)-5-(2-amino-6-oxo-1,6-dihydro-9H-purin-9-yl)-3,4-dihydroxytetrahydrofuran-2-yl]methyl (2R,3S,4S,5S,6R)-3,4-dihydroxy-5-[({3-hydroxy-2-methyl-5-[(phosphonooxy)methyl]pyridin-4-yl}methyl)amino]-6-methyltetrahydro-2H-pyran-2-yl dihydrogen diphosphate'
4 non-polymer 1,2-ETHANEDIOL
5 water water
#
_entity_poly.entity_id   1
_entity_poly.type   'polypeptide(L)'
_entity_poly.pdbx_seq_one_letter_code
;GHMINYPLASSTWDDLEYKAIQSVLDSKMFTMGEYVKQYETQFAKTFGSKYAVMVSSGSTANLLMIAALFFTKKPRLKKG
DEIIVPAVSWSTTYYPLQQYGLRVKFVDIDINTLNIDIESLKEAVTDSTKAILTVNLLGNPNNFDEINKIIGGRDIILLE
DNCESMGATFNNKCAGTFGLMGTFSSFYSNHIATMEGGCIVTDDEEIYHILLCIRAHGWTRNLPKKNKVTGVKSDDQFEE
SFKFVLPGYNVRPLEMSGAIGIEQLKKLPRFISVRRKNAEYFLDKFKDHPYLDVQQETGESSWFGFSFIIKKDSGVIRKQ
LVENLNSAGIECRPIVTGNFLKNTDVLKYFDYTVHNNVDNAEYLDKNGLFVGNHQIELFDEIDYLREVLK
;
_entity_poly.pdbx_strand_id   A,B
#
# COMPACT_ATOMS: atom_id res chain seq x y z
N ASN A 5 10.04 -1.15 -31.74
CA ASN A 5 10.57 -2.37 -32.36
C ASN A 5 10.94 -3.54 -31.41
N TYR A 6 11.76 -3.29 -30.39
CA TYR A 6 12.07 -4.35 -29.42
C TYR A 6 11.85 -3.75 -28.02
N PRO A 7 10.59 -3.68 -27.61
CA PRO A 7 10.21 -3.13 -26.31
C PRO A 7 10.45 -4.11 -25.15
N LEU A 8 10.54 -3.53 -23.96
CA LEU A 8 10.76 -4.29 -22.75
C LEU A 8 9.57 -5.22 -22.48
N ALA A 9 8.36 -4.70 -22.66
CA ALA A 9 7.12 -5.46 -22.39
C ALA A 9 6.03 -5.32 -23.41
N SER A 10 5.11 -6.26 -23.34
CA SER A 10 3.97 -6.23 -24.22
C SER A 10 2.84 -6.78 -23.38
N SER A 11 1.65 -6.77 -23.95
CA SER A 11 0.45 -7.22 -23.25
C SER A 11 0.45 -8.73 -23.08
N THR A 12 0.03 -9.17 -21.89
CA THR A 12 -0.08 -10.59 -21.63
C THR A 12 -1.59 -10.91 -21.65
N TRP A 13 -2.41 -9.93 -22.01
CA TRP A 13 -3.88 -10.19 -21.95
C TRP A 13 -4.50 -10.56 -23.27
N ASP A 14 -5.53 -11.41 -23.25
CA ASP A 14 -6.35 -11.65 -24.42
C ASP A 14 -7.80 -11.41 -24.00
N ASP A 15 -8.78 -11.82 -24.80
CA ASP A 15 -10.19 -11.59 -24.45
C ASP A 15 -10.59 -12.06 -23.06
N LEU A 16 -9.90 -13.07 -22.54
CA LEU A 16 -10.28 -13.61 -21.25
C LEU A 16 -10.04 -12.61 -20.12
N GLU A 17 -8.98 -11.83 -20.19
CA GLU A 17 -8.74 -10.91 -19.08
C GLU A 17 -9.84 -9.89 -19.12
N TYR A 18 -10.24 -9.55 -20.33
CA TYR A 18 -11.27 -8.52 -20.50
C TYR A 18 -12.67 -8.97 -20.04
N LYS A 19 -12.97 -10.25 -20.25
CA LYS A 19 -14.20 -10.85 -19.77
C LYS A 19 -14.23 -11.01 -18.26
N ALA A 20 -13.08 -11.27 -17.65
CA ALA A 20 -12.98 -11.36 -16.20
C ALA A 20 -13.28 -9.95 -15.65
N ILE A 21 -12.67 -8.93 -16.24
CA ILE A 21 -12.90 -7.57 -15.76
C ILE A 21 -14.39 -7.31 -15.86
N GLN A 22 -15.00 -7.82 -16.92
CA GLN A 22 -16.42 -7.64 -17.11
C GLN A 22 -17.27 -8.36 -16.11
N SER A 23 -16.85 -9.54 -15.72
CA SER A 23 -17.58 -10.27 -14.69
C SER A 23 -17.64 -9.45 -13.39
N VAL A 24 -16.53 -8.83 -13.02
CA VAL A 24 -16.49 -8.02 -11.79
C VAL A 24 -17.46 -6.83 -11.91
N LEU A 25 -17.40 -6.14 -13.05
CA LEU A 25 -18.22 -4.98 -13.27
C LEU A 25 -19.66 -5.42 -13.14
N ASP A 26 -19.96 -6.56 -13.74
CA ASP A 26 -21.29 -7.16 -13.70
C ASP A 26 -21.72 -7.49 -12.26
N SER A 27 -20.79 -8.03 -11.48
CA SER A 27 -21.10 -8.34 -10.10
C SER A 27 -21.33 -7.09 -9.25
N LYS A 28 -20.82 -5.94 -9.68
CA LYS A 28 -20.84 -4.72 -8.87
C LYS A 28 -20.11 -4.92 -7.53
N MET A 29 -19.33 -5.98 -7.41
CA MET A 29 -18.54 -6.17 -6.17
CA MET A 29 -18.54 -6.21 -6.20
C MET A 29 -17.08 -5.91 -6.47
N PHE A 30 -16.60 -4.75 -6.03
CA PHE A 30 -15.27 -4.34 -6.35
C PHE A 30 -14.19 -4.53 -5.32
N THR A 31 -14.62 -4.48 -4.07
CA THR A 31 -13.72 -4.57 -2.93
C THR A 31 -13.22 -5.99 -2.87
N MET A 32 -11.97 -6.15 -2.46
CA MET A 32 -11.32 -7.42 -2.31
C MET A 32 -12.35 -8.43 -1.82
N GLY A 33 -12.54 -9.51 -2.55
CA GLY A 33 -13.53 -10.51 -2.19
C GLY A 33 -13.34 -11.88 -2.80
N GLU A 34 -14.41 -12.40 -3.38
CA GLU A 34 -14.38 -13.75 -3.94
C GLU A 34 -13.35 -14.07 -5.00
N TYR A 35 -13.16 -13.19 -6.00
CA TYR A 35 -12.14 -13.47 -7.01
C TYR A 35 -10.74 -13.49 -6.42
N VAL A 36 -10.47 -12.53 -5.54
CA VAL A 36 -9.18 -12.56 -4.87
C VAL A 36 -8.99 -13.85 -4.09
N LYS A 37 -10.02 -14.33 -3.38
CA LYS A 37 -9.77 -15.57 -2.63
C LYS A 37 -9.52 -16.72 -3.58
N GLN A 38 -10.28 -16.79 -4.67
CA GLN A 38 -10.08 -17.87 -5.63
C GLN A 38 -8.68 -17.80 -6.24
N TYR A 39 -8.25 -16.58 -6.56
CA TYR A 39 -6.92 -16.32 -7.11
C TYR A 39 -5.87 -16.85 -6.11
N GLU A 40 -6.07 -16.56 -4.82
CA GLU A 40 -5.10 -16.99 -3.79
C GLU A 40 -5.02 -18.48 -3.73
N THR A 41 -6.17 -19.12 -3.85
CA THR A 41 -6.21 -20.57 -3.79
C THR A 41 -5.45 -21.20 -4.97
N GLN A 42 -5.75 -20.66 -6.17
CA GLN A 42 -5.09 -21.12 -7.40
C GLN A 42 -3.59 -20.84 -7.35
N PHE A 43 -3.22 -19.65 -6.88
CA PHE A 43 -1.80 -19.26 -6.79
C PHE A 43 -0.97 -20.24 -5.92
N ALA A 44 -1.48 -20.52 -4.73
CA ALA A 44 -0.81 -21.44 -3.81
C ALA A 44 -0.72 -22.81 -4.49
N LYS A 45 -1.81 -23.25 -5.11
CA LYS A 45 -1.80 -24.54 -5.75
C LYS A 45 -0.79 -24.57 -6.91
N THR A 46 -0.78 -23.52 -7.72
CA THR A 46 0.16 -23.39 -8.82
C THR A 46 1.63 -23.49 -8.36
N PHE A 47 2.05 -22.68 -7.39
CA PHE A 47 3.44 -22.70 -7.00
C PHE A 47 3.81 -23.65 -5.91
N GLY A 48 2.81 -24.35 -5.38
CA GLY A 48 3.10 -25.35 -4.35
C GLY A 48 3.31 -24.81 -2.92
N SER A 49 2.53 -23.81 -2.51
CA SER A 49 2.67 -23.31 -1.15
CA SER A 49 2.68 -23.36 -1.15
C SER A 49 1.36 -23.65 -0.45
N LYS A 50 1.33 -23.66 0.87
CA LYS A 50 0.06 -23.98 1.48
C LYS A 50 -0.90 -22.80 1.37
N TYR A 51 -0.37 -21.62 1.57
CA TYR A 51 -1.19 -20.42 1.62
C TYR A 51 -0.67 -19.33 0.69
N ALA A 52 -1.55 -18.43 0.27
CA ALA A 52 -1.15 -17.25 -0.55
C ALA A 52 -2.02 -16.09 -0.14
N VAL A 53 -1.41 -14.91 -0.14
CA VAL A 53 -2.12 -13.69 0.19
C VAL A 53 -1.85 -12.68 -0.92
N MET A 54 -2.88 -12.23 -1.61
CA MET A 54 -2.70 -11.21 -2.64
C MET A 54 -2.70 -9.83 -2.03
N VAL A 55 -1.82 -8.95 -2.52
CA VAL A 55 -1.70 -7.57 -2.03
C VAL A 55 -1.65 -6.61 -3.22
N SER A 56 -1.60 -5.32 -2.94
CA SER A 56 -1.64 -4.25 -3.94
C SER A 56 -0.47 -4.22 -4.93
N SER A 57 0.67 -4.74 -4.51
CA SER A 57 1.81 -4.72 -5.40
C SER A 57 2.86 -5.62 -4.84
N GLY A 58 3.87 -5.93 -5.64
CA GLY A 58 4.94 -6.80 -5.12
C GLY A 58 5.71 -6.06 -4.03
N SER A 59 5.70 -4.74 -4.08
CA SER A 59 6.36 -3.90 -3.08
C SER A 59 5.58 -3.95 -1.74
N THR A 60 4.25 -3.93 -1.75
CA THR A 60 3.56 -4.08 -0.46
C THR A 60 3.64 -5.54 -0.04
N ALA A 61 3.91 -6.47 -0.97
CA ALA A 61 4.09 -7.87 -0.61
C ALA A 61 5.38 -7.91 0.21
N ASN A 62 6.43 -7.24 -0.24
CA ASN A 62 7.67 -7.24 0.53
C ASN A 62 7.48 -6.56 1.89
N LEU A 63 6.70 -5.49 1.92
CA LEU A 63 6.45 -4.77 3.15
C LEU A 63 5.79 -5.67 4.19
N LEU A 64 4.80 -6.45 3.78
CA LEU A 64 4.16 -7.29 4.78
C LEU A 64 5.01 -8.47 5.12
N MET A 65 5.81 -8.96 4.18
CA MET A 65 6.67 -10.09 4.51
C MET A 65 7.62 -9.74 5.66
N ILE A 66 8.17 -8.51 5.66
CA ILE A 66 9.04 -8.08 6.76
C ILE A 66 8.24 -7.79 8.03
N ALA A 67 7.17 -7.03 7.85
CA ALA A 67 6.34 -6.69 9.01
C ALA A 67 5.84 -7.91 9.79
N ALA A 68 5.44 -8.97 9.07
CA ALA A 68 4.84 -10.14 9.69
C ALA A 68 5.72 -10.71 10.79
N LEU A 69 7.01 -10.69 10.55
CA LEU A 69 8.01 -11.27 11.48
C LEU A 69 8.12 -10.55 12.83
N PHE A 70 7.58 -9.34 12.91
CA PHE A 70 7.61 -8.59 14.16
C PHE A 70 6.36 -8.94 14.96
N PHE A 71 5.40 -9.56 14.29
CA PHE A 71 4.11 -9.79 14.94
C PHE A 71 3.68 -11.17 15.35
N THR A 72 4.58 -12.13 15.18
CA THR A 72 4.36 -13.51 15.62
C THR A 72 4.28 -13.43 17.15
N LYS A 73 3.53 -14.33 17.76
CA LYS A 73 3.29 -14.29 19.21
C LYS A 73 4.64 -14.15 19.91
N LYS A 74 5.62 -14.93 19.46
CA LYS A 74 7.01 -14.76 19.88
C LYS A 74 7.71 -14.06 18.66
N PRO A 75 8.04 -12.77 18.73
CA PRO A 75 8.60 -12.12 17.53
C PRO A 75 9.79 -12.80 16.90
N ARG A 76 9.73 -12.97 15.59
CA ARG A 76 10.88 -13.57 14.92
C ARG A 76 11.97 -12.56 14.59
N LEU A 77 11.63 -11.28 14.54
CA LEU A 77 12.66 -10.28 14.29
C LEU A 77 12.40 -9.10 15.21
N LYS A 78 13.43 -8.33 15.45
CA LYS A 78 13.29 -7.13 16.26
C LYS A 78 14.25 -6.10 15.66
N LYS A 79 14.06 -4.84 16.01
CA LYS A 79 14.90 -3.78 15.54
C LYS A 79 16.37 -4.12 15.73
N GLY A 80 17.19 -3.84 14.73
CA GLY A 80 18.63 -4.06 14.87
C GLY A 80 19.07 -5.46 14.57
N ASP A 81 18.12 -6.35 14.36
CA ASP A 81 18.52 -7.71 14.01
C ASP A 81 19.14 -7.61 12.61
N GLU A 82 20.20 -8.37 12.37
CA GLU A 82 20.90 -8.34 11.10
C GLU A 82 20.20 -9.17 10.00
N ILE A 83 20.03 -8.57 8.83
CA ILE A 83 19.46 -9.27 7.68
C ILE A 83 20.41 -9.09 6.52
N ILE A 84 20.69 -10.22 5.89
CA ILE A 84 21.63 -10.24 4.79
C ILE A 84 20.86 -10.20 3.50
N VAL A 85 21.36 -9.36 2.57
CA VAL A 85 20.79 -9.16 1.24
C VAL A 85 21.91 -9.00 0.18
N PRO A 86 21.54 -9.24 -1.08
CA PRO A 86 22.45 -9.09 -2.22
C PRO A 86 22.54 -7.60 -2.52
N ALA A 87 23.62 -7.19 -3.16
CA ALA A 87 23.88 -5.76 -3.44
C ALA A 87 23.10 -5.18 -4.62
N VAL A 88 22.49 -6.07 -5.39
CA VAL A 88 21.69 -5.68 -6.56
C VAL A 88 20.28 -6.27 -6.47
N SER A 89 19.28 -5.42 -6.56
CA SER A 89 17.87 -5.83 -6.52
CA SER A 89 17.87 -5.83 -6.51
C SER A 89 16.97 -4.62 -6.80
N TRP A 90 15.73 -4.61 -6.31
CA TRP A 90 14.82 -3.46 -6.53
C TRP A 90 14.83 -2.64 -5.23
N SER A 91 14.47 -1.36 -5.28
CA SER A 91 14.50 -0.54 -4.09
C SER A 91 13.64 -1.05 -2.96
N THR A 92 12.43 -1.46 -3.29
CA THR A 92 11.50 -1.94 -2.26
C THR A 92 11.82 -3.32 -1.73
N THR A 93 12.96 -3.88 -2.15
CA THR A 93 13.39 -5.11 -1.50
C THR A 93 14.04 -4.62 -0.20
N TYR A 94 14.73 -3.48 -0.28
CA TYR A 94 15.45 -2.96 0.88
C TYR A 94 14.68 -1.99 1.76
N TYR A 95 13.78 -1.18 1.20
CA TYR A 95 13.08 -0.24 2.05
C TYR A 95 12.41 -0.75 3.26
N PRO A 96 11.73 -1.89 3.13
CA PRO A 96 11.00 -2.44 4.27
C PRO A 96 11.97 -2.72 5.41
N LEU A 97 13.17 -3.11 5.00
CA LEU A 97 14.18 -3.41 5.98
C LEU A 97 14.44 -2.15 6.79
N GLN A 98 14.56 -1.04 6.09
CA GLN A 98 14.84 0.21 6.78
C GLN A 98 13.67 0.65 7.61
N GLN A 99 12.49 0.45 7.05
CA GLN A 99 11.26 0.83 7.71
C GLN A 99 11.01 0.07 9.00
N TYR A 100 11.55 -1.13 9.09
CA TYR A 100 11.40 -1.93 10.31
C TYR A 100 12.64 -1.92 11.19
N GLY A 101 13.60 -1.06 10.89
CA GLY A 101 14.79 -0.95 11.75
C GLY A 101 15.76 -2.12 11.79
N LEU A 102 15.79 -2.91 10.73
CA LEU A 102 16.73 -4.02 10.70
C LEU A 102 18.13 -3.50 10.32
N ARG A 103 19.13 -4.30 10.66
CA ARG A 103 20.51 -3.98 10.37
C ARG A 103 20.82 -4.77 9.11
N VAL A 104 20.97 -4.06 8.00
CA VAL A 104 21.12 -4.65 6.69
C VAL A 104 22.58 -4.90 6.39
N LYS A 105 22.94 -6.14 6.10
CA LYS A 105 24.29 -6.45 5.75
C LYS A 105 24.31 -6.82 4.24
N PHE A 106 24.86 -5.94 3.40
CA PHE A 106 24.92 -6.23 1.97
C PHE A 106 26.07 -7.17 1.64
N VAL A 107 25.81 -8.06 0.69
CA VAL A 107 26.75 -9.07 0.22
C VAL A 107 26.76 -8.96 -1.30
N ASP A 108 27.93 -9.14 -1.90
CA ASP A 108 28.12 -9.04 -3.33
C ASP A 108 27.45 -10.13 -4.13
N ILE A 109 27.23 -9.77 -5.39
CA ILE A 109 26.66 -10.67 -6.35
C ILE A 109 27.76 -11.40 -7.02
N ASP A 110 27.34 -12.50 -7.66
CA ASP A 110 28.22 -13.33 -8.43
C ASP A 110 27.91 -12.77 -9.82
N ILE A 111 28.97 -12.28 -10.50
CA ILE A 111 28.87 -11.58 -11.78
C ILE A 111 28.26 -12.42 -12.91
N ASN A 112 28.32 -13.74 -12.72
CA ASN A 112 27.71 -14.65 -13.68
C ASN A 112 26.19 -14.95 -13.55
N THR A 113 25.74 -15.29 -12.34
CA THR A 113 24.31 -15.61 -12.14
C THR A 113 23.56 -14.33 -11.82
N LEU A 114 24.30 -13.31 -11.37
CA LEU A 114 23.72 -12.06 -10.97
C LEU A 114 23.03 -12.16 -9.62
N ASN A 115 23.04 -13.37 -9.03
CA ASN A 115 22.47 -13.58 -7.69
C ASN A 115 23.56 -13.40 -6.63
N ILE A 116 23.18 -13.42 -5.36
CA ILE A 116 24.12 -13.24 -4.24
C ILE A 116 25.28 -14.20 -4.37
N ASP A 117 26.48 -13.71 -4.12
CA ASP A 117 27.64 -14.56 -4.32
C ASP A 117 27.72 -15.63 -3.24
N ILE A 118 27.68 -16.88 -3.65
CA ILE A 118 27.63 -17.94 -2.64
C ILE A 118 28.83 -17.99 -1.71
N GLU A 119 30.03 -17.76 -2.22
CA GLU A 119 31.22 -17.78 -1.35
C GLU A 119 31.27 -16.63 -0.41
N SER A 120 30.76 -15.48 -0.85
CA SER A 120 30.72 -14.29 -0.01
C SER A 120 29.69 -14.45 1.12
N LEU A 121 28.58 -15.10 0.77
CA LEU A 121 27.56 -15.36 1.72
C LEU A 121 28.10 -16.31 2.77
N LYS A 122 28.76 -17.36 2.34
CA LYS A 122 29.27 -18.34 3.26
C LYS A 122 30.05 -17.58 4.30
N GLU A 123 30.89 -16.63 3.90
CA GLU A 123 31.62 -15.86 4.89
C GLU A 123 30.82 -14.77 5.64
N ALA A 124 29.78 -14.24 5.02
CA ALA A 124 29.06 -13.17 5.67
C ALA A 124 28.18 -13.68 6.81
N VAL A 125 27.73 -14.91 6.68
CA VAL A 125 26.78 -15.40 7.66
C VAL A 125 27.47 -15.62 8.99
N THR A 126 27.02 -14.94 10.03
CA THR A 126 27.66 -15.20 11.30
C THR A 126 26.59 -15.59 12.30
N ASP A 127 26.95 -15.57 13.57
CA ASP A 127 26.00 -15.95 14.57
C ASP A 127 25.04 -14.82 14.85
N SER A 128 25.37 -13.65 14.32
CA SER A 128 24.56 -12.45 14.44
C SER A 128 23.48 -12.41 13.34
N THR A 129 23.65 -13.27 12.35
CA THR A 129 22.73 -13.37 11.22
C THR A 129 21.41 -13.92 11.66
N LYS A 130 20.35 -13.14 11.46
CA LYS A 130 18.99 -13.57 11.83
C LYS A 130 18.13 -14.01 10.63
N ALA A 131 18.42 -13.42 9.47
CA ALA A 131 17.67 -13.74 8.27
C ALA A 131 18.54 -13.49 7.04
N ILE A 132 18.21 -14.17 5.95
CA ILE A 132 18.84 -13.93 4.65
C ILE A 132 17.68 -13.67 3.67
N LEU A 133 17.65 -12.47 3.14
CA LEU A 133 16.58 -12.14 2.20
C LEU A 133 17.21 -12.30 0.84
N THR A 134 16.97 -13.47 0.22
CA THR A 134 17.46 -13.75 -1.11
C THR A 134 16.58 -13.08 -2.14
N VAL A 135 17.15 -12.88 -3.30
CA VAL A 135 16.44 -12.27 -4.42
C VAL A 135 16.76 -13.15 -5.64
N ASN A 136 15.73 -13.63 -6.32
CA ASN A 136 15.95 -14.47 -7.51
C ASN A 136 15.92 -13.46 -8.64
N LEU A 137 17.11 -13.12 -9.10
CA LEU A 137 17.24 -12.03 -10.09
C LEU A 137 16.97 -12.32 -11.54
N LEU A 138 16.06 -11.52 -12.11
CA LEU A 138 15.77 -11.58 -13.52
C LEU A 138 15.30 -12.94 -13.99
N GLY A 139 14.65 -13.72 -13.13
CA GLY A 139 14.07 -15.01 -13.53
C GLY A 139 14.92 -16.19 -12.98
N ASN A 140 16.19 -15.88 -12.69
CA ASN A 140 17.18 -16.88 -12.28
C ASN A 140 17.11 -17.20 -10.79
N PRO A 141 16.88 -18.47 -10.45
CA PRO A 141 16.76 -18.78 -9.03
C PRO A 141 18.13 -18.86 -8.43
N ASN A 142 18.19 -18.67 -7.11
CA ASN A 142 19.41 -18.85 -6.33
C ASN A 142 19.57 -20.37 -6.18
N ASN A 143 20.81 -20.85 -5.99
CA ASN A 143 20.96 -22.28 -5.77
C ASN A 143 20.54 -22.54 -4.32
N PHE A 144 19.30 -22.96 -4.09
CA PHE A 144 18.92 -23.08 -2.71
C PHE A 144 19.59 -24.24 -2.00
N ASP A 145 20.19 -25.13 -2.76
CA ASP A 145 20.87 -26.23 -2.07
C ASP A 145 22.06 -25.63 -1.34
N GLU A 146 22.79 -24.79 -2.05
CA GLU A 146 23.98 -24.19 -1.45
C GLU A 146 23.61 -23.28 -0.31
N ILE A 147 22.54 -22.52 -0.50
CA ILE A 147 22.18 -21.56 0.54
C ILE A 147 21.71 -22.27 1.78
N ASN A 148 20.97 -23.36 1.59
CA ASN A 148 20.47 -24.07 2.75
C ASN A 148 21.58 -24.81 3.47
N LYS A 149 22.58 -25.21 2.71
CA LYS A 149 23.74 -25.86 3.31
C LYS A 149 24.45 -24.82 4.18
N ILE A 150 24.55 -23.59 3.69
CA ILE A 150 25.22 -22.56 4.48
C ILE A 150 24.41 -22.35 5.78
N ILE A 151 23.09 -22.30 5.65
CA ILE A 151 22.30 -22.05 6.83
C ILE A 151 22.42 -23.21 7.76
N GLY A 152 22.26 -24.40 7.21
CA GLY A 152 22.40 -25.57 8.04
C GLY A 152 21.34 -25.59 9.14
N GLY A 153 21.77 -25.91 10.36
CA GLY A 153 20.80 -26.04 11.44
C GLY A 153 20.56 -24.74 12.17
N ARG A 154 21.27 -23.68 11.77
CA ARG A 154 21.14 -22.36 12.38
C ARG A 154 19.76 -21.78 12.31
N ASP A 155 19.46 -20.91 13.29
CA ASP A 155 18.16 -20.26 13.42
C ASP A 155 18.23 -19.00 12.59
N ILE A 156 18.26 -19.16 11.28
CA ILE A 156 18.35 -17.97 10.43
C ILE A 156 17.16 -18.14 9.51
N ILE A 157 16.34 -17.10 9.39
CA ILE A 157 15.17 -17.18 8.55
C ILE A 157 15.52 -16.95 7.09
N LEU A 158 15.03 -17.82 6.21
CA LEU A 158 15.29 -17.61 4.80
C LEU A 158 14.09 -16.87 4.20
N LEU A 159 14.33 -15.79 3.46
CA LEU A 159 13.18 -15.18 2.81
C LEU A 159 13.50 -15.07 1.32
N GLU A 160 12.48 -14.94 0.49
CA GLU A 160 12.71 -14.76 -0.95
C GLU A 160 11.92 -13.59 -1.50
N ASP A 161 12.62 -12.66 -2.16
CA ASP A 161 11.91 -11.64 -2.93
C ASP A 161 11.86 -12.29 -4.34
N ASN A 162 10.70 -12.82 -4.73
CA ASN A 162 10.58 -13.51 -6.03
C ASN A 162 9.84 -12.73 -7.11
N CYS A 163 9.86 -11.40 -6.96
CA CYS A 163 9.13 -10.53 -7.86
C CYS A 163 9.64 -10.51 -9.27
N GLU A 164 10.85 -10.99 -9.51
CA GLU A 164 11.34 -11.04 -10.88
C GLU A 164 11.38 -12.48 -11.41
N SER A 165 11.15 -13.48 -10.57
CA SER A 165 11.28 -14.86 -11.09
C SER A 165 10.08 -15.80 -10.92
N MET A 166 8.89 -15.26 -11.19
CA MET A 166 7.71 -16.11 -11.07
C MET A 166 7.91 -17.24 -12.07
N GLY A 167 7.56 -18.48 -11.71
CA GLY A 167 7.63 -19.54 -12.70
C GLY A 167 9.03 -20.17 -12.75
N ALA A 168 10.01 -19.54 -12.13
CA ALA A 168 11.35 -20.17 -12.09
C ALA A 168 11.34 -21.42 -11.18
N THR A 169 12.19 -22.41 -11.46
CA THR A 169 12.26 -23.56 -10.56
C THR A 169 13.67 -24.00 -10.30
N PHE A 170 13.86 -24.64 -9.14
CA PHE A 170 15.17 -25.15 -8.77
C PHE A 170 14.94 -26.54 -8.24
N ASN A 171 15.48 -27.55 -8.91
CA ASN A 171 15.25 -28.93 -8.47
C ASN A 171 13.74 -29.24 -8.45
N ASN A 172 13.07 -28.75 -9.47
CA ASN A 172 11.65 -28.91 -9.63
C ASN A 172 10.80 -28.25 -8.55
N LYS A 173 11.40 -27.38 -7.76
CA LYS A 173 10.62 -26.69 -6.76
C LYS A 173 10.49 -25.25 -7.24
N CYS A 174 9.31 -24.67 -7.09
CA CYS A 174 9.11 -23.30 -7.53
C CYS A 174 9.85 -22.28 -6.65
N ALA A 175 10.51 -21.34 -7.33
CA ALA A 175 11.12 -20.20 -6.63
C ALA A 175 9.99 -19.52 -5.84
N GLY A 176 10.31 -18.89 -4.73
CA GLY A 176 9.32 -18.22 -3.88
C GLY A 176 8.82 -19.15 -2.78
N THR A 177 8.97 -20.46 -2.95
CA THR A 177 8.51 -21.42 -1.93
C THR A 177 9.63 -22.05 -1.14
N PHE A 178 10.85 -21.53 -1.25
CA PHE A 178 11.94 -22.09 -0.49
C PHE A 178 12.02 -21.35 0.84
N GLY A 179 11.81 -20.03 0.82
CA GLY A 179 11.89 -19.26 2.07
C GLY A 179 10.67 -19.47 2.99
N LEU A 180 10.79 -18.99 4.22
CA LEU A 180 9.65 -19.01 5.10
C LEU A 180 8.45 -18.29 4.42
N MET A 181 8.77 -17.30 3.60
CA MET A 181 7.78 -16.55 2.79
C MET A 181 8.49 -16.24 1.49
N GLY A 182 7.72 -15.98 0.43
CA GLY A 182 8.33 -15.58 -0.80
C GLY A 182 7.32 -14.57 -1.36
N THR A 183 7.82 -13.52 -2.00
CA THR A 183 6.95 -12.54 -2.64
C THR A 183 6.99 -12.60 -4.17
N PHE A 184 5.88 -12.17 -4.79
CA PHE A 184 5.74 -12.13 -6.25
C PHE A 184 5.13 -10.79 -6.62
N SER A 185 5.29 -10.42 -7.91
CA SER A 185 4.68 -9.21 -8.42
C SER A 185 3.87 -9.56 -9.66
N SER A 186 2.76 -8.87 -9.89
CA SER A 186 1.98 -9.06 -11.13
C SER A 186 1.82 -7.66 -11.75
N PHE A 187 2.86 -6.83 -11.64
CA PHE A 187 2.83 -5.52 -12.30
C PHE A 187 2.80 -5.76 -13.82
N TYR A 188 2.34 -4.76 -14.58
CA TYR A 188 2.33 -4.86 -16.04
C TYR A 188 3.44 -5.63 -16.79
N SER A 189 4.68 -5.27 -16.55
CA SER A 189 5.77 -5.86 -17.32
C SER A 189 6.38 -7.14 -16.74
N ASN A 190 5.64 -7.83 -15.90
CA ASN A 190 6.19 -9.02 -15.24
C ASN A 190 5.66 -10.24 -15.89
N HIS A 191 5.95 -11.41 -15.33
CA HIS A 191 5.49 -12.67 -15.96
C HIS A 191 3.98 -12.73 -16.11
N ILE A 192 3.24 -12.16 -15.18
CA ILE A 192 1.77 -12.04 -15.30
C ILE A 192 1.45 -10.61 -14.88
N ALA A 193 0.29 -10.11 -15.27
CA ALA A 193 -0.03 -8.71 -15.06
C ALA A 193 -1.48 -8.55 -14.63
N THR A 194 -1.71 -7.89 -13.49
CA THR A 194 -3.06 -7.67 -12.97
C THR A 194 -3.28 -6.16 -12.76
N MET A 195 -2.60 -5.40 -13.63
CA MET A 195 -2.55 -3.93 -13.60
C MET A 195 -1.45 -3.62 -12.55
N GLU A 196 -1.76 -3.89 -11.29
CA GLU A 196 -0.73 -3.86 -10.24
C GLU A 196 -1.12 -5.06 -9.44
N GLY A 197 -0.18 -5.56 -8.66
CA GLY A 197 -0.50 -6.68 -7.79
C GLY A 197 0.76 -7.31 -7.26
N GLY A 198 0.63 -8.00 -6.12
CA GLY A 198 1.74 -8.74 -5.56
C GLY A 198 1.15 -9.92 -4.76
N CYS A 199 1.96 -10.83 -4.26
CA CYS A 199 1.43 -11.93 -3.47
CA CYS A 199 1.46 -11.95 -3.48
C CYS A 199 2.54 -12.40 -2.55
N ILE A 200 2.14 -12.89 -1.37
CA ILE A 200 3.10 -13.46 -0.45
C ILE A 200 2.67 -14.93 -0.32
N VAL A 201 3.60 -15.86 -0.44
CA VAL A 201 3.22 -17.25 -0.16
C VAL A 201 3.95 -17.68 1.12
N THR A 202 3.34 -18.63 1.81
CA THR A 202 3.92 -19.19 3.01
C THR A 202 3.24 -20.54 3.24
N ASP A 203 3.89 -21.36 4.05
CA ASP A 203 3.29 -22.63 4.44
C ASP A 203 3.08 -22.52 5.94
N ASP A 204 3.45 -21.39 6.54
CA ASP A 204 3.31 -21.22 7.98
C ASP A 204 1.95 -20.62 8.31
N GLU A 205 1.10 -21.36 9.01
CA GLU A 205 -0.23 -20.86 9.40
C GLU A 205 -0.26 -19.58 10.23
N GLU A 206 0.65 -19.41 11.18
CA GLU A 206 0.65 -18.17 11.99
C GLU A 206 0.94 -17.00 11.09
N ILE A 207 1.97 -17.14 10.26
CA ILE A 207 2.36 -16.10 9.30
C ILE A 207 1.19 -15.76 8.41
N TYR A 208 0.55 -16.78 7.85
CA TYR A 208 -0.58 -16.53 6.95
C TYR A 208 -1.66 -15.72 7.65
N HIS A 209 -1.98 -16.08 8.88
CA HIS A 209 -3.01 -15.32 9.58
C HIS A 209 -2.58 -13.89 9.86
N ILE A 210 -1.31 -13.69 10.21
CA ILE A 210 -0.81 -12.33 10.47
C ILE A 210 -0.96 -11.51 9.19
N LEU A 211 -0.62 -12.11 8.05
CA LEU A 211 -0.74 -11.43 6.78
C LEU A 211 -2.16 -11.02 6.46
N LEU A 212 -3.11 -11.95 6.72
CA LEU A 212 -4.53 -11.65 6.54
C LEU A 212 -4.95 -10.43 7.34
N CYS A 213 -4.35 -10.28 8.52
CA CYS A 213 -4.68 -9.16 9.41
C CYS A 213 -4.06 -7.82 8.96
N ILE A 214 -2.73 -7.83 8.78
CA ILE A 214 -1.98 -6.64 8.43
C ILE A 214 -2.21 -6.07 7.03
N ARG A 215 -2.75 -6.90 6.15
CA ARG A 215 -3.15 -6.43 4.80
C ARG A 215 -4.35 -5.51 4.81
N ALA A 216 -5.24 -5.74 5.77
CA ALA A 216 -6.53 -5.07 5.80
C ALA A 216 -6.84 -4.42 7.14
N HIS A 217 -6.22 -3.27 7.34
CA HIS A 217 -6.46 -2.44 8.50
C HIS A 217 -6.09 -3.03 9.84
N GLY A 218 -5.38 -4.15 9.87
CA GLY A 218 -5.01 -4.80 11.13
C GLY A 218 -6.30 -5.32 11.84
N TRP A 219 -7.36 -5.54 11.05
CA TRP A 219 -8.65 -6.02 11.59
C TRP A 219 -8.80 -7.52 11.51
N THR A 220 -9.90 -8.05 12.04
CA THR A 220 -10.06 -9.48 12.15
C THR A 220 -11.00 -10.07 11.09
N ARG A 221 -11.56 -9.23 10.23
CA ARG A 221 -12.58 -9.72 9.29
C ARG A 221 -12.12 -10.85 8.45
N ASN A 222 -10.86 -10.80 8.04
CA ASN A 222 -10.38 -11.87 7.16
C ASN A 222 -9.74 -13.04 7.86
N LEU A 223 -9.76 -13.02 9.18
CA LEU A 223 -9.20 -14.16 9.87
C LEU A 223 -10.29 -15.20 10.04
N PRO A 224 -9.91 -16.46 10.03
CA PRO A 224 -10.93 -17.48 10.33
C PRO A 224 -11.31 -17.41 11.83
N LYS A 225 -12.40 -18.09 12.21
CA LYS A 225 -12.88 -18.05 13.60
C LYS A 225 -11.82 -18.52 14.57
N LYS A 226 -11.21 -19.64 14.24
CA LYS A 226 -10.12 -20.13 15.06
C LYS A 226 -8.88 -19.67 14.28
N ASN A 227 -8.04 -18.82 14.86
CA ASN A 227 -6.88 -18.24 14.18
C ASN A 227 -5.72 -17.95 15.15
N LYS A 228 -4.49 -17.92 14.61
CA LYS A 228 -3.28 -17.72 15.43
C LYS A 228 -3.15 -16.30 15.93
N VAL A 229 -3.94 -15.38 15.41
CA VAL A 229 -3.74 -14.01 15.87
C VAL A 229 -4.57 -13.69 17.10
N THR A 230 -5.87 -13.99 17.01
CA THR A 230 -6.75 -13.70 18.13
C THR A 230 -7.24 -14.96 18.87
N GLY A 231 -6.85 -16.14 18.43
CA GLY A 231 -7.30 -17.36 19.12
C GLY A 231 -8.69 -17.78 18.60
N VAL A 232 -9.76 -17.21 19.19
CA VAL A 232 -11.12 -17.53 18.73
C VAL A 232 -11.91 -16.27 18.64
N LYS A 233 -12.47 -16.03 17.47
CA LYS A 233 -13.22 -14.81 17.25
C LYS A 233 -14.55 -14.94 17.95
N SER A 234 -15.15 -13.80 18.24
CA SER A 234 -16.48 -13.75 18.78
C SER A 234 -17.49 -14.12 17.66
N ASP A 235 -18.64 -14.67 18.05
CA ASP A 235 -19.70 -15.00 17.09
C ASP A 235 -20.52 -13.75 16.77
N ASP A 236 -20.37 -12.71 17.59
CA ASP A 236 -21.06 -11.41 17.39
C ASP A 236 -20.43 -10.52 16.30
N GLN A 237 -21.12 -10.41 15.19
CA GLN A 237 -20.69 -9.59 14.07
C GLN A 237 -20.28 -8.15 14.46
N PHE A 238 -21.07 -7.47 15.30
CA PHE A 238 -20.78 -6.08 15.67
C PHE A 238 -19.46 -6.01 16.41
N GLU A 239 -19.12 -7.13 17.03
CA GLU A 239 -17.96 -7.26 17.89
C GLU A 239 -16.70 -7.51 17.04
N GLU A 240 -16.90 -8.13 15.89
CA GLU A 240 -15.75 -8.42 15.07
C GLU A 240 -15.72 -7.58 13.78
N SER A 241 -16.44 -6.45 13.73
CA SER A 241 -16.49 -5.71 12.45
C SER A 241 -15.37 -4.70 12.38
N PHE A 242 -15.21 -3.90 13.43
CA PHE A 242 -14.08 -2.97 13.55
C PHE A 242 -13.16 -3.37 14.74
N LYS A 243 -12.70 -4.61 14.79
CA LYS A 243 -11.80 -5.04 15.87
C LYS A 243 -10.35 -5.02 15.35
N PHE A 244 -9.53 -4.11 15.88
CA PHE A 244 -8.14 -3.94 15.39
C PHE A 244 -7.13 -4.57 16.34
N VAL A 245 -6.26 -5.42 15.82
CA VAL A 245 -5.38 -6.22 16.66
C VAL A 245 -3.90 -6.23 16.38
N LEU A 246 -3.52 -5.71 15.22
CA LEU A 246 -2.12 -5.59 14.85
C LEU A 246 -1.94 -4.30 14.05
N PRO A 247 -0.77 -3.68 14.20
CA PRO A 247 -0.41 -2.45 13.49
C PRO A 247 -0.09 -2.82 12.04
N GLY A 248 -1.09 -2.75 11.18
CA GLY A 248 -0.91 -3.11 9.77
C GLY A 248 -1.16 -1.95 8.83
N TYR A 249 -1.73 -2.26 7.68
CA TYR A 249 -1.96 -1.28 6.63
C TYR A 249 -3.26 -1.68 5.94
N ASN A 250 -3.61 -0.86 4.94
CA ASN A 250 -4.63 -1.25 3.98
C ASN A 250 -3.84 -1.46 2.67
N VAL A 251 -3.50 -2.69 2.36
CA VAL A 251 -2.83 -2.96 1.09
C VAL A 251 -3.60 -4.00 0.29
N ARG A 252 -4.93 -3.95 0.41
CA ARG A 252 -5.80 -4.91 -0.27
C ARG A 252 -5.71 -4.71 -1.75
N PRO A 253 -5.80 -5.81 -2.47
CA PRO A 253 -5.77 -5.73 -3.93
C PRO A 253 -7.25 -5.51 -4.27
N LEU A 254 -7.58 -5.17 -5.53
CA LEU A 254 -8.96 -4.98 -6.02
C LEU A 254 -9.47 -6.30 -6.60
N GLU A 255 -10.80 -6.54 -6.58
CA GLU A 255 -11.43 -7.74 -7.14
C GLU A 255 -11.06 -7.89 -8.63
N MET A 256 -10.96 -6.78 -9.37
CA MET A 256 -10.55 -6.89 -10.77
C MET A 256 -9.20 -7.59 -10.91
N SER A 257 -8.21 -7.16 -10.15
CA SER A 257 -6.86 -7.76 -10.20
C SER A 257 -6.91 -9.26 -9.89
N GLY A 258 -7.74 -9.62 -8.92
CA GLY A 258 -7.88 -11.04 -8.59
C GLY A 258 -8.48 -11.80 -9.80
N ALA A 259 -9.56 -11.25 -10.36
CA ALA A 259 -10.26 -11.85 -11.50
C ALA A 259 -9.29 -11.96 -12.68
N ILE A 260 -8.54 -10.90 -12.97
CA ILE A 260 -7.60 -10.96 -14.07
C ILE A 260 -6.51 -12.00 -13.78
N GLY A 261 -6.07 -12.03 -12.51
CA GLY A 261 -5.01 -12.92 -12.09
C GLY A 261 -5.35 -14.39 -12.31
N ILE A 262 -6.59 -14.74 -12.05
CA ILE A 262 -6.98 -16.11 -12.25
C ILE A 262 -6.77 -16.51 -13.72
N GLU A 263 -7.16 -15.67 -14.66
CA GLU A 263 -6.93 -15.99 -16.09
C GLU A 263 -5.45 -15.99 -16.39
N GLN A 264 -4.68 -15.06 -15.81
CA GLN A 264 -3.25 -15.09 -16.11
C GLN A 264 -2.54 -16.39 -15.71
N LEU A 265 -2.86 -16.90 -14.52
CA LEU A 265 -2.27 -18.14 -13.98
C LEU A 265 -2.47 -19.30 -14.96
N LYS A 266 -3.62 -19.31 -15.65
CA LYS A 266 -3.92 -20.37 -16.63
C LYS A 266 -3.04 -20.26 -17.87
N LYS A 267 -2.62 -19.03 -18.18
CA LYS A 267 -1.71 -18.77 -19.32
C LYS A 267 -0.23 -18.96 -18.89
N LEU A 268 0.03 -18.83 -17.60
CA LEU A 268 1.40 -18.93 -17.16
C LEU A 268 2.23 -20.11 -17.73
N PRO A 269 1.73 -21.35 -17.72
CA PRO A 269 2.59 -22.42 -18.25
C PRO A 269 3.06 -22.14 -19.70
N ARG A 270 2.18 -21.59 -20.53
CA ARG A 270 2.57 -21.26 -21.88
C ARG A 270 3.53 -20.07 -21.89
N PHE A 271 3.22 -19.02 -21.14
CA PHE A 271 4.16 -17.90 -21.08
C PHE A 271 5.59 -18.36 -20.75
N ILE A 272 5.75 -19.22 -19.75
CA ILE A 272 7.10 -19.62 -19.32
C ILE A 272 7.78 -20.44 -20.40
N SER A 273 6.97 -21.30 -21.02
CA SER A 273 7.42 -22.11 -22.11
C SER A 273 8.02 -21.21 -23.23
N VAL A 274 7.23 -20.24 -23.70
CA VAL A 274 7.69 -19.33 -24.74
C VAL A 274 8.90 -18.50 -24.34
N ARG A 275 8.89 -18.01 -23.10
CA ARG A 275 9.99 -17.23 -22.57
C ARG A 275 11.26 -18.08 -22.56
N ARG A 276 11.15 -19.37 -22.20
CA ARG A 276 12.31 -20.24 -22.21
C ARG A 276 12.79 -20.61 -23.63
N LYS A 277 11.86 -20.76 -24.58
CA LYS A 277 12.27 -20.97 -25.97
C LYS A 277 13.02 -19.73 -26.46
N ASN A 278 12.53 -18.53 -26.13
CA ASN A 278 13.24 -17.29 -26.42
C ASN A 278 14.66 -17.30 -25.82
N ALA A 279 14.80 -17.64 -24.53
CA ALA A 279 16.13 -17.73 -23.90
C ALA A 279 17.09 -18.71 -24.60
N GLU A 280 16.55 -19.86 -25.00
CA GLU A 280 17.38 -20.85 -25.68
C GLU A 280 17.92 -20.24 -26.97
N TYR A 281 17.03 -19.63 -27.76
CA TYR A 281 17.46 -19.01 -29.02
C TYR A 281 18.51 -17.92 -28.74
N PHE A 282 18.16 -17.06 -27.82
CA PHE A 282 19.05 -15.98 -27.40
C PHE A 282 20.41 -16.44 -26.93
N LEU A 283 20.45 -17.41 -26.03
CA LEU A 283 21.75 -17.85 -25.53
C LEU A 283 22.54 -18.50 -26.65
N ASP A 284 21.84 -19.16 -27.55
CA ASP A 284 22.55 -19.79 -28.62
C ASP A 284 23.13 -18.68 -29.52
N LYS A 285 22.41 -17.57 -29.64
CA LYS A 285 22.85 -16.49 -30.49
C LYS A 285 23.94 -15.66 -29.85
N PHE A 286 24.03 -15.71 -28.54
CA PHE A 286 24.99 -14.90 -27.86
C PHE A 286 26.10 -15.70 -27.17
N LYS A 287 25.95 -17.04 -27.17
CA LYS A 287 26.88 -18.00 -26.56
C LYS A 287 28.32 -17.53 -26.61
N ASP A 288 28.82 -17.29 -27.81
CA ASP A 288 30.20 -16.84 -27.97
C ASP A 288 30.40 -15.40 -28.48
N HIS A 289 29.68 -14.46 -27.88
CA HIS A 289 29.79 -13.04 -28.23
C HIS A 289 31.14 -12.45 -27.88
N PRO A 290 31.75 -11.76 -28.84
CA PRO A 290 33.04 -11.15 -28.62
C PRO A 290 33.17 -10.25 -27.39
N TYR A 291 32.14 -9.51 -27.02
CA TYR A 291 32.33 -8.62 -25.89
C TYR A 291 31.26 -8.55 -24.81
N LEU A 292 30.32 -9.48 -24.87
CA LEU A 292 29.21 -9.49 -23.93
C LEU A 292 29.03 -10.85 -23.31
N ASP A 293 28.80 -10.82 -22.01
CA ASP A 293 28.52 -12.01 -21.24
C ASP A 293 27.05 -11.98 -20.87
N VAL A 294 26.44 -13.16 -20.89
CA VAL A 294 25.03 -13.32 -20.56
C VAL A 294 24.84 -13.98 -19.21
N GLN A 295 23.65 -13.88 -18.66
CA GLN A 295 23.41 -14.46 -17.35
C GLN A 295 23.60 -15.96 -17.35
N GLN A 296 24.29 -16.46 -16.32
CA GLN A 296 24.51 -17.89 -16.13
C GLN A 296 23.34 -18.49 -15.35
N GLU A 297 22.65 -19.41 -16.01
CA GLU A 297 21.46 -20.03 -15.45
C GLU A 297 21.65 -21.05 -14.32
N THR A 298 20.82 -20.89 -13.27
CA THR A 298 20.73 -21.80 -12.13
C THR A 298 19.32 -22.41 -12.20
N GLY A 299 19.20 -23.73 -11.95
CA GLY A 299 17.91 -24.43 -12.01
C GLY A 299 17.29 -24.12 -13.37
N GLU A 300 16.00 -23.83 -13.39
CA GLU A 300 15.35 -23.47 -14.65
C GLU A 300 14.81 -22.06 -14.48
N SER A 301 15.53 -21.10 -15.07
CA SER A 301 15.11 -19.71 -14.99
C SER A 301 13.86 -19.41 -15.79
N SER A 302 13.11 -18.43 -15.31
CA SER A 302 11.91 -17.98 -15.98
C SER A 302 12.23 -16.79 -16.88
N TRP A 303 13.52 -16.44 -17.02
CA TRP A 303 14.01 -15.40 -17.94
C TRP A 303 13.17 -14.13 -18.03
N PHE A 304 13.21 -13.33 -16.97
CA PHE A 304 12.43 -12.12 -16.94
C PHE A 304 12.88 -11.20 -18.07
N GLY A 305 14.19 -11.12 -18.28
CA GLY A 305 14.79 -10.29 -19.32
C GLY A 305 16.14 -10.88 -19.66
N PHE A 306 16.89 -10.21 -20.55
CA PHE A 306 18.21 -10.67 -20.98
C PHE A 306 19.28 -9.64 -20.61
N SER A 307 20.09 -9.99 -19.64
CA SER A 307 21.18 -9.12 -19.27
C SER A 307 22.44 -9.37 -20.14
N PHE A 308 23.26 -8.32 -20.16
CA PHE A 308 24.56 -8.31 -20.83
C PHE A 308 25.54 -7.70 -19.83
N ILE A 309 26.74 -8.23 -19.72
CA ILE A 309 27.76 -7.58 -18.90
C ILE A 309 28.97 -7.40 -19.81
N ILE A 310 29.40 -6.16 -20.03
CA ILE A 310 30.54 -5.97 -20.94
C ILE A 310 31.74 -6.72 -20.37
N LYS A 311 32.40 -7.53 -21.21
CA LYS A 311 33.57 -8.29 -20.79
C LYS A 311 34.71 -7.33 -20.45
N LYS A 312 35.49 -7.65 -19.42
CA LYS A 312 36.61 -6.79 -18.97
C LYS A 312 37.70 -6.71 -20.04
N ASP A 313 38.24 -5.51 -20.28
CA ASP A 313 39.29 -5.36 -21.29
C ASP A 313 38.78 -5.59 -22.70
N SER A 314 37.52 -5.28 -22.94
CA SER A 314 36.97 -5.50 -24.27
C SER A 314 37.21 -4.16 -24.91
N GLY A 315 37.29 -3.15 -24.05
CA GLY A 315 37.49 -1.78 -24.48
C GLY A 315 36.12 -1.15 -24.65
N VAL A 316 35.10 -2.00 -24.74
CA VAL A 316 33.71 -1.57 -24.90
C VAL A 316 33.19 -0.63 -23.81
N ILE A 317 32.43 0.37 -24.24
CA ILE A 317 31.91 1.34 -23.29
C ILE A 317 30.38 1.23 -23.29
N ARG A 318 29.85 1.14 -22.08
CA ARG A 318 28.42 0.93 -21.89
C ARG A 318 27.52 2.02 -22.47
N LYS A 319 27.96 3.27 -22.33
CA LYS A 319 27.22 4.42 -22.82
C LYS A 319 26.88 4.28 -24.29
N GLN A 320 27.86 3.89 -25.07
CA GLN A 320 27.67 3.74 -26.49
C GLN A 320 26.76 2.58 -26.79
N LEU A 321 26.99 1.46 -26.12
CA LEU A 321 26.14 0.27 -26.29
C LEU A 321 24.70 0.74 -26.16
N VAL A 322 24.47 1.49 -25.11
CA VAL A 322 23.13 1.96 -24.89
C VAL A 322 22.67 2.77 -26.09
N GLU A 323 23.43 3.77 -26.51
CA GLU A 323 23.00 4.55 -27.68
C GLU A 323 22.63 3.62 -28.83
N ASN A 324 23.59 2.82 -29.25
CA ASN A 324 23.37 1.87 -30.31
C ASN A 324 22.03 1.17 -30.19
N LEU A 325 21.81 0.58 -29.02
CA LEU A 325 20.56 -0.15 -28.78
C LEU A 325 19.41 0.82 -28.95
N ASN A 326 19.43 1.90 -28.19
CA ASN A 326 18.32 2.81 -28.33
C ASN A 326 18.20 3.33 -29.74
N SER A 327 19.31 3.80 -30.31
CA SER A 327 19.30 4.32 -31.67
C SER A 327 18.72 3.28 -32.62
N ALA A 328 18.90 2.00 -32.32
CA ALA A 328 18.37 0.91 -33.15
C ALA A 328 16.92 0.57 -32.88
N GLY A 329 16.32 1.22 -31.89
CA GLY A 329 14.95 0.91 -31.54
C GLY A 329 14.85 -0.25 -30.52
N ILE A 330 15.90 -0.46 -29.75
CA ILE A 330 15.86 -1.53 -28.76
C ILE A 330 15.82 -0.96 -27.36
N GLU A 331 14.69 -1.12 -26.68
CA GLU A 331 14.53 -0.57 -25.34
C GLU A 331 15.51 -1.29 -24.42
N CYS A 332 16.13 -0.55 -23.52
CA CYS A 332 17.00 -1.19 -22.53
C CYS A 332 16.90 -0.56 -21.16
N ARG A 333 17.52 -1.21 -20.18
CA ARG A 333 17.45 -0.72 -18.81
C ARG A 333 18.75 -1.08 -18.09
N PRO A 334 19.06 -0.40 -16.97
CA PRO A 334 20.18 -0.84 -16.16
C PRO A 334 19.69 -2.16 -15.53
N ILE A 335 20.58 -2.93 -14.94
CA ILE A 335 20.17 -4.18 -14.24
C ILE A 335 19.65 -3.76 -12.86
N VAL A 336 18.34 -3.42 -12.81
CA VAL A 336 17.68 -2.92 -11.61
C VAL A 336 18.36 -1.82 -10.71
N THR A 337 18.62 -2.07 -9.44
CA THR A 337 19.23 -0.98 -8.68
C THR A 337 20.68 -0.87 -9.13
N GLY A 338 21.16 -1.82 -9.93
CA GLY A 338 22.59 -1.81 -10.27
C GLY A 338 23.20 -1.95 -8.88
N ASN A 339 24.33 -1.31 -8.62
CA ASN A 339 24.85 -1.40 -7.27
C ASN A 339 24.08 -0.49 -6.32
N PHE A 340 23.15 -1.05 -5.55
CA PHE A 340 22.39 -0.26 -4.61
C PHE A 340 23.25 0.57 -3.66
N LEU A 341 24.46 0.12 -3.44
CA LEU A 341 25.30 0.78 -2.47
C LEU A 341 25.75 2.16 -2.92
N LYS A 342 25.50 2.47 -4.18
CA LYS A 342 25.83 3.77 -4.70
C LYS A 342 24.76 4.81 -4.31
N ASN A 343 23.68 4.40 -3.65
CA ASN A 343 22.63 5.35 -3.24
C ASN A 343 22.90 5.93 -1.87
N THR A 344 24.05 6.62 -1.81
CA THR A 344 24.57 7.21 -0.61
C THR A 344 23.51 7.92 0.21
N ASP A 345 22.68 8.67 -0.50
CA ASP A 345 21.65 9.48 0.13
C ASP A 345 20.63 8.65 0.86
N VAL A 346 19.93 7.79 0.12
CA VAL A 346 18.91 6.95 0.71
C VAL A 346 19.58 6.08 1.80
N LEU A 347 20.83 5.70 1.59
CA LEU A 347 21.51 4.84 2.55
C LEU A 347 21.75 5.53 3.86
N LYS A 348 21.66 6.86 3.82
CA LYS A 348 21.78 7.69 5.01
C LYS A 348 20.70 7.32 6.04
N TYR A 349 19.60 6.76 5.55
CA TYR A 349 18.48 6.41 6.42
C TYR A 349 18.62 5.00 6.98
N PHE A 350 19.52 4.22 6.41
CA PHE A 350 19.69 2.86 6.86
C PHE A 350 20.71 2.61 7.94
N ASP A 351 20.49 1.52 8.66
CA ASP A 351 21.44 1.00 9.61
C ASP A 351 22.08 -0.13 8.80
N TYR A 352 23.23 0.14 8.20
CA TYR A 352 23.75 -0.96 7.40
C TYR A 352 25.23 -1.15 7.43
N THR A 353 25.66 -2.24 6.81
CA THR A 353 27.06 -2.58 6.73
C THR A 353 27.25 -3.33 5.44
N VAL A 354 28.50 -3.42 4.97
CA VAL A 354 28.83 -4.15 3.72
C VAL A 354 29.80 -5.26 4.03
N HIS A 355 29.42 -6.46 3.68
CA HIS A 355 30.39 -7.52 3.93
C HIS A 355 31.51 -7.46 2.89
N ASN A 356 32.77 -7.44 3.34
CA ASN A 356 33.94 -7.46 2.44
C ASN A 356 33.90 -6.25 1.47
N ASN A 357 33.52 -6.47 0.23
CA ASN A 357 33.35 -5.41 -0.75
C ASN A 357 32.25 -5.84 -1.73
N VAL A 358 31.77 -4.89 -2.54
CA VAL A 358 30.75 -5.24 -3.52
C VAL A 358 31.35 -4.91 -4.89
N ASP A 359 32.55 -5.42 -5.09
CA ASP A 359 33.29 -5.24 -6.33
C ASP A 359 32.52 -5.71 -7.57
N ASN A 360 31.91 -6.90 -7.50
CA ASN A 360 31.13 -7.35 -8.65
C ASN A 360 29.96 -6.43 -8.91
N ALA A 361 29.23 -6.04 -7.87
CA ALA A 361 28.09 -5.14 -8.07
C ALA A 361 28.57 -3.85 -8.74
N GLU A 362 29.71 -3.37 -8.30
CA GLU A 362 30.29 -2.17 -8.89
C GLU A 362 30.58 -2.36 -10.38
N TYR A 363 31.24 -3.47 -10.71
CA TYR A 363 31.48 -3.73 -12.09
C TYR A 363 30.12 -3.78 -12.87
N LEU A 364 29.16 -4.54 -12.35
CA LEU A 364 27.83 -4.63 -12.98
C LEU A 364 27.21 -3.25 -13.20
N ASP A 365 27.36 -2.39 -12.21
CA ASP A 365 26.74 -1.09 -12.28
C ASP A 365 27.25 -0.31 -13.47
N LYS A 366 28.49 -0.56 -13.81
CA LYS A 366 29.05 0.22 -14.88
C LYS A 366 29.06 -0.49 -16.21
N ASN A 367 28.96 -1.81 -16.18
CA ASN A 367 29.11 -2.55 -17.39
C ASN A 367 27.93 -3.42 -17.86
N GLY A 368 26.81 -3.34 -17.13
CA GLY A 368 25.63 -4.15 -17.43
C GLY A 368 24.39 -3.33 -17.71
N LEU A 369 23.42 -3.99 -18.35
CA LEU A 369 22.14 -3.35 -18.70
C LEU A 369 21.29 -4.53 -19.12
N PHE A 370 20.00 -4.33 -19.40
CA PHE A 370 19.20 -5.44 -19.85
C PHE A 370 18.16 -5.10 -20.92
N VAL A 371 17.83 -6.12 -21.72
CA VAL A 371 16.81 -5.95 -22.74
C VAL A 371 15.68 -6.95 -22.44
N GLY A 372 14.51 -6.74 -23.03
CA GLY A 372 13.33 -7.52 -22.70
C GLY A 372 13.21 -8.94 -23.18
N ASN A 373 12.48 -9.73 -22.41
CA ASN A 373 12.07 -11.03 -22.84
C ASN A 373 10.54 -11.02 -22.72
N HIS A 374 9.83 -11.72 -23.60
CA HIS A 374 8.36 -11.70 -23.50
C HIS A 374 7.78 -13.08 -23.68
N GLN A 375 6.46 -13.12 -23.43
CA GLN A 375 5.63 -14.33 -23.54
C GLN A 375 5.22 -14.70 -24.97
N ILE A 376 5.84 -14.03 -25.93
CA ILE A 376 5.63 -14.20 -27.37
C ILE A 376 7.03 -14.47 -27.97
N GLU A 377 7.08 -15.25 -29.04
CA GLU A 377 8.29 -15.63 -29.75
C GLU A 377 9.02 -14.35 -30.15
N LEU A 378 10.31 -14.23 -29.86
CA LEU A 378 11.09 -13.02 -30.19
C LEU A 378 12.29 -13.33 -31.10
N PHE A 379 12.20 -14.38 -31.90
CA PHE A 379 13.33 -14.72 -32.76
C PHE A 379 13.76 -13.58 -33.68
N ASP A 380 12.82 -12.91 -34.33
CA ASP A 380 13.26 -11.83 -35.18
C ASP A 380 13.98 -10.77 -34.39
N GLU A 381 13.43 -10.40 -33.23
CA GLU A 381 13.98 -9.31 -32.42
C GLU A 381 15.34 -9.70 -31.88
N ILE A 382 15.46 -10.99 -31.56
CA ILE A 382 16.75 -11.44 -31.05
C ILE A 382 17.76 -11.39 -32.21
N ASP A 383 17.34 -11.84 -33.40
CA ASP A 383 18.25 -11.82 -34.57
C ASP A 383 18.77 -10.41 -34.71
N TYR A 384 17.83 -9.45 -34.75
CA TYR A 384 18.18 -8.04 -34.86
C TYR A 384 19.08 -7.58 -33.75
N LEU A 385 18.75 -7.99 -32.53
CA LEU A 385 19.54 -7.58 -31.37
C LEU A 385 21.00 -8.02 -31.52
N ARG A 386 21.19 -9.24 -32.04
CA ARG A 386 22.55 -9.76 -32.24
C ARG A 386 23.32 -8.98 -33.30
N GLU A 387 22.64 -8.63 -34.40
CA GLU A 387 23.17 -7.83 -35.50
C GLU A 387 23.60 -6.47 -35.01
N VAL A 388 22.72 -5.82 -34.24
CA VAL A 388 22.99 -4.50 -33.72
C VAL A 388 24.22 -4.57 -32.79
N LEU A 389 24.37 -5.70 -32.13
CA LEU A 389 25.45 -5.89 -31.17
C LEU A 389 26.61 -6.67 -31.77
N LYS A 390 26.76 -6.50 -33.09
CA LYS A 390 27.82 -7.12 -33.85
C LYS A 390 29.15 -6.65 -33.23
N MET B 3 -40.56 -4.57 7.67
CA MET B 3 -39.11 -4.42 7.67
C MET B 3 -38.57 -3.65 6.46
N ILE B 4 -37.29 -3.29 6.49
CA ILE B 4 -36.68 -2.53 5.40
C ILE B 4 -35.17 -2.48 5.14
N ASN B 5 -34.80 -2.51 3.87
CA ASN B 5 -33.40 -2.55 3.45
C ASN B 5 -32.73 -1.19 3.64
N TYR B 6 -31.88 -1.08 4.64
CA TYR B 6 -31.23 0.19 4.94
C TYR B 6 -29.78 -0.15 5.29
N PRO B 7 -29.02 -0.40 4.26
CA PRO B 7 -27.65 -0.79 4.42
C PRO B 7 -26.78 0.45 4.62
N LEU B 8 -25.59 0.24 5.13
CA LEU B 8 -24.63 1.32 5.27
C LEU B 8 -24.27 2.15 4.02
N ALA B 9 -24.10 1.55 2.85
CA ALA B 9 -23.70 2.33 1.68
C ALA B 9 -24.40 1.75 0.46
N SER B 10 -24.43 2.51 -0.63
CA SER B 10 -25.01 2.06 -1.88
C SER B 10 -24.09 2.54 -3.00
N SER B 11 -24.35 2.12 -4.23
CA SER B 11 -23.49 2.53 -5.36
C SER B 11 -23.63 4.03 -5.62
N THR B 12 -22.51 4.70 -5.91
CA THR B 12 -22.50 6.12 -6.26
C THR B 12 -22.19 6.27 -7.75
N TRP B 13 -22.15 5.15 -8.47
CA TRP B 13 -21.83 5.15 -9.88
C TRP B 13 -23.04 5.05 -10.77
N ASP B 14 -22.86 5.60 -11.96
CA ASP B 14 -23.81 5.50 -13.05
C ASP B 14 -23.07 5.15 -14.31
N ASP B 15 -23.76 5.29 -15.43
CA ASP B 15 -23.15 4.96 -16.69
C ASP B 15 -21.81 5.67 -16.84
N LEU B 16 -21.67 6.89 -16.29
CA LEU B 16 -20.45 7.67 -16.47
C LEU B 16 -19.22 7.00 -15.88
N GLU B 17 -19.37 6.36 -14.74
CA GLU B 17 -18.22 5.69 -14.17
C GLU B 17 -17.83 4.49 -15.02
N TYR B 18 -18.82 3.78 -15.54
CA TYR B 18 -18.57 2.63 -16.40
C TYR B 18 -17.96 3.05 -17.72
N LYS B 19 -18.37 4.20 -18.21
CA LYS B 19 -17.82 4.75 -19.44
C LYS B 19 -16.35 5.12 -19.23
N ALA B 20 -16.04 5.61 -18.03
CA ALA B 20 -14.66 5.95 -17.70
C ALA B 20 -13.81 4.68 -17.74
N ILE B 21 -14.28 3.62 -17.08
CA ILE B 21 -13.54 2.36 -17.06
C ILE B 21 -13.33 1.85 -18.47
N GLN B 22 -14.37 1.93 -19.27
CA GLN B 22 -14.27 1.50 -20.65
C GLN B 22 -13.16 2.26 -21.37
N SER B 23 -13.09 3.56 -21.11
CA SER B 23 -12.07 4.38 -21.71
C SER B 23 -10.67 3.94 -21.30
N VAL B 24 -10.48 3.53 -20.05
CA VAL B 24 -9.16 3.02 -19.69
C VAL B 24 -8.90 1.68 -20.40
N LEU B 25 -9.91 0.82 -20.38
CA LEU B 25 -9.79 -0.46 -21.04
C LEU B 25 -9.45 -0.26 -22.50
N ASP B 26 -10.19 0.58 -23.20
CA ASP B 26 -9.88 0.79 -24.61
C ASP B 26 -8.46 1.25 -24.79
N SER B 27 -7.96 2.09 -23.90
CA SER B 27 -6.60 2.61 -24.04
C SER B 27 -5.46 1.61 -23.83
N LYS B 28 -5.74 0.59 -23.04
CA LYS B 28 -4.72 -0.39 -22.73
C LYS B 28 -3.58 0.08 -21.81
N MET B 29 -3.76 1.26 -21.24
CA MET B 29 -2.80 1.79 -20.25
CA MET B 29 -2.84 1.85 -20.28
C MET B 29 -3.51 1.78 -18.90
N PHE B 30 -3.09 0.83 -18.07
CA PHE B 30 -3.68 0.61 -16.75
C PHE B 30 -2.90 1.18 -15.57
N THR B 31 -1.61 1.35 -15.77
CA THR B 31 -0.78 1.83 -14.70
C THR B 31 -1.01 3.29 -14.56
N MET B 32 -0.89 3.77 -13.32
CA MET B 32 -0.97 5.19 -12.99
C MET B 32 -0.42 6.05 -14.14
N GLY B 33 -1.28 6.93 -14.66
CA GLY B 33 -0.87 7.84 -15.74
C GLY B 33 -1.70 9.13 -15.77
N GLU B 34 -2.21 9.37 -16.96
CA GLU B 34 -2.95 10.57 -17.32
C GLU B 34 -4.28 10.81 -16.63
N TYR B 35 -5.10 9.78 -16.51
CA TYR B 35 -6.34 9.94 -15.75
C TYR B 35 -6.06 10.28 -14.28
N VAL B 36 -5.07 9.64 -13.66
CA VAL B 36 -4.74 9.94 -12.27
C VAL B 36 -4.27 11.40 -12.18
N LYS B 37 -3.44 11.80 -13.13
CA LYS B 37 -2.92 13.15 -13.15
C LYS B 37 -4.07 14.14 -13.23
N GLN B 38 -4.99 13.88 -14.16
CA GLN B 38 -6.14 14.74 -14.36
C GLN B 38 -6.96 14.79 -13.07
N TYR B 39 -7.23 13.62 -12.53
CA TYR B 39 -7.98 13.57 -11.28
C TYR B 39 -7.32 14.42 -10.16
N GLU B 40 -6.00 14.37 -10.08
CA GLU B 40 -5.32 15.10 -9.01
C GLU B 40 -5.55 16.60 -9.25
N THR B 41 -5.50 16.99 -10.51
CA THR B 41 -5.67 18.39 -10.87
C THR B 41 -7.06 18.82 -10.44
N GLN B 42 -8.06 18.01 -10.78
CA GLN B 42 -9.43 18.34 -10.39
C GLN B 42 -9.63 18.30 -8.87
N PHE B 43 -8.94 17.35 -8.22
CA PHE B 43 -9.06 17.14 -6.78
C PHE B 43 -8.61 18.38 -6.08
N ALA B 44 -7.40 18.86 -6.38
CA ALA B 44 -6.81 20.04 -5.73
C ALA B 44 -7.77 21.22 -5.91
N LYS B 45 -8.27 21.38 -7.14
CA LYS B 45 -9.20 22.44 -7.43
C LYS B 45 -10.47 22.36 -6.59
N THR B 46 -11.03 21.15 -6.51
CA THR B 46 -12.28 20.94 -5.81
C THR B 46 -12.21 21.41 -4.38
N PHE B 47 -11.11 21.08 -3.70
CA PHE B 47 -10.93 21.42 -2.29
C PHE B 47 -10.18 22.67 -1.96
N GLY B 48 -9.51 23.22 -2.95
CA GLY B 48 -8.78 24.45 -2.73
C GLY B 48 -7.39 24.20 -2.22
N SER B 49 -6.72 23.14 -2.65
CA SER B 49 -5.31 22.96 -2.23
C SER B 49 -4.41 23.22 -3.46
N LYS B 50 -3.14 23.53 -3.26
CA LYS B 50 -2.37 23.73 -4.49
C LYS B 50 -2.12 22.40 -5.14
N TYR B 51 -1.95 21.36 -4.32
CA TYR B 51 -1.58 20.08 -4.88
C TYR B 51 -2.41 18.94 -4.36
N ALA B 52 -2.43 17.87 -5.14
CA ALA B 52 -3.10 16.64 -4.75
C ALA B 52 -2.28 15.44 -5.26
N VAL B 53 -2.14 14.42 -4.42
CA VAL B 53 -1.42 13.18 -4.79
C VAL B 53 -2.32 12.01 -4.48
N MET B 54 -2.81 11.32 -5.52
CA MET B 54 -3.66 10.14 -5.35
C MET B 54 -2.86 8.88 -5.04
N VAL B 55 -3.37 8.08 -4.12
CA VAL B 55 -2.66 6.88 -3.70
C VAL B 55 -3.63 5.73 -3.59
N SER B 56 -3.10 4.57 -3.31
CA SER B 56 -3.92 3.39 -3.29
C SER B 56 -5.10 3.37 -2.33
N SER B 57 -5.06 4.06 -1.19
CA SER B 57 -6.19 4.06 -0.23
C SER B 57 -5.98 5.22 0.75
N GLY B 58 -7.01 5.51 1.53
CA GLY B 58 -6.88 6.58 2.52
C GLY B 58 -5.84 6.12 3.57
N SER B 59 -5.67 4.81 3.76
CA SER B 59 -4.67 4.31 4.71
C SER B 59 -3.24 4.59 4.20
N THR B 60 -2.98 4.31 2.91
CA THR B 60 -1.68 4.63 2.38
C THR B 60 -1.56 6.14 2.23
N ALA B 61 -2.66 6.88 2.23
CA ALA B 61 -2.45 8.34 2.17
C ALA B 61 -1.92 8.86 3.54
N ASN B 62 -2.46 8.32 4.61
CA ASN B 62 -1.98 8.66 5.93
C ASN B 62 -0.55 8.17 6.09
N LEU B 63 -0.23 6.99 5.52
CA LEU B 63 1.13 6.49 5.67
C LEU B 63 2.13 7.48 5.07
N LEU B 64 1.84 7.90 3.85
CA LEU B 64 2.70 8.90 3.18
C LEU B 64 2.71 10.24 3.87
N MET B 65 1.57 10.66 4.43
CA MET B 65 1.50 11.95 5.13
C MET B 65 2.55 12.00 6.22
N ILE B 66 2.57 10.97 7.07
CA ILE B 66 3.57 10.88 8.16
C ILE B 66 5.01 10.70 7.64
N ALA B 67 5.19 9.78 6.73
CA ALA B 67 6.53 9.54 6.22
C ALA B 67 7.19 10.77 5.61
N ALA B 68 6.44 11.49 4.79
CA ALA B 68 7.04 12.64 4.16
C ALA B 68 7.70 13.62 5.13
N LEU B 69 7.15 13.76 6.34
CA LEU B 69 7.69 14.69 7.31
C LEU B 69 9.08 14.33 7.81
N PHE B 70 9.52 13.12 7.50
CA PHE B 70 10.83 12.68 7.94
C PHE B 70 11.85 12.98 6.85
N PHE B 71 11.33 13.31 5.67
CA PHE B 71 12.12 13.42 4.46
C PHE B 71 12.30 14.82 3.95
N THR B 72 11.81 15.80 4.70
CA THR B 72 12.01 17.14 4.18
C THR B 72 13.49 17.47 4.44
N LYS B 73 14.06 18.37 3.63
CA LYS B 73 15.47 18.79 3.74
C LYS B 73 15.90 19.15 5.18
N LYS B 74 15.07 19.92 5.88
CA LYS B 74 15.15 20.14 7.31
C LYS B 74 14.03 19.17 7.77
N PRO B 75 14.35 18.00 8.34
CA PRO B 75 13.29 17.05 8.70
C PRO B 75 12.29 17.63 9.66
N ARG B 76 11.02 17.54 9.32
CA ARG B 76 10.01 18.10 10.20
C ARG B 76 9.61 17.26 11.39
N LEU B 77 9.99 15.99 11.41
CA LEU B 77 9.75 15.08 12.55
C LEU B 77 10.91 14.12 12.57
N LYS B 78 11.14 13.51 13.73
CA LYS B 78 12.18 12.52 13.97
C LYS B 78 11.64 11.53 15.00
N LYS B 79 12.28 10.38 15.14
CA LYS B 79 11.81 9.34 16.06
C LYS B 79 11.65 9.96 17.44
N GLY B 80 10.64 9.50 18.19
CA GLY B 80 10.36 9.97 19.55
C GLY B 80 9.64 11.32 19.60
N ASP B 81 9.46 11.97 18.45
CA ASP B 81 8.78 13.27 18.46
C ASP B 81 7.33 13.12 18.92
N GLU B 82 6.83 14.13 19.64
CA GLU B 82 5.45 14.05 20.12
C GLU B 82 4.36 14.52 19.15
N ILE B 83 3.37 13.64 18.96
CA ILE B 83 2.19 13.91 18.13
C ILE B 83 0.93 13.53 18.95
N ILE B 84 -0.03 14.46 19.00
CA ILE B 84 -1.29 14.29 19.73
C ILE B 84 -2.36 13.88 18.70
N VAL B 85 -3.21 12.94 19.07
CA VAL B 85 -4.30 12.50 18.20
C VAL B 85 -5.50 12.28 19.14
N PRO B 86 -6.72 12.36 18.59
CA PRO B 86 -7.93 12.04 19.38
C PRO B 86 -7.97 10.53 19.63
N ALA B 87 -8.76 10.15 20.63
CA ALA B 87 -8.90 8.79 21.12
C ALA B 87 -9.73 7.93 20.21
N VAL B 88 -10.50 8.54 19.32
CA VAL B 88 -11.39 7.73 18.51
C VAL B 88 -11.17 8.12 17.09
N SER B 89 -10.94 7.13 16.24
CA SER B 89 -10.79 7.43 14.82
C SER B 89 -10.66 6.11 14.09
N TRP B 90 -9.77 6.04 13.12
CA TRP B 90 -9.58 4.79 12.38
C TRP B 90 -8.20 4.22 12.70
N SER B 91 -8.08 2.91 12.59
CA SER B 91 -6.87 2.21 12.97
C SER B 91 -5.64 2.78 12.26
N THR B 92 -5.78 2.95 10.96
CA THR B 92 -4.71 3.49 10.12
C THR B 92 -4.46 4.98 10.27
N THR B 93 -5.21 5.67 11.14
CA THR B 93 -4.85 7.02 11.55
C THR B 93 -3.63 6.81 12.48
N TYR B 94 -3.72 5.79 13.34
CA TYR B 94 -2.67 5.49 14.33
C TYR B 94 -1.37 4.74 13.94
N TYR B 95 -1.49 3.72 13.08
CA TYR B 95 -0.33 2.88 12.78
C TYR B 95 0.90 3.58 12.25
N PRO B 96 0.71 4.43 11.23
CA PRO B 96 1.87 5.10 10.62
C PRO B 96 2.62 5.83 11.75
N LEU B 97 1.94 6.16 12.83
CA LEU B 97 2.60 6.93 13.87
C LEU B 97 3.58 6.03 14.52
N GLN B 98 3.14 4.82 14.80
CA GLN B 98 4.01 3.85 15.45
C GLN B 98 5.04 3.36 14.46
N GLN B 99 4.65 3.30 13.19
CA GLN B 99 5.52 2.82 12.13
C GLN B 99 6.69 3.76 11.92
N TYR B 100 6.52 5.04 12.27
CA TYR B 100 7.61 6.01 12.16
C TYR B 100 8.24 6.36 13.49
N GLY B 101 7.96 5.52 14.49
CA GLY B 101 8.51 5.65 15.84
C GLY B 101 8.21 6.97 16.57
N LEU B 102 7.02 7.52 16.39
CA LEU B 102 6.68 8.74 17.07
C LEU B 102 6.11 8.49 18.49
N ARG B 103 6.15 9.50 19.34
CA ARG B 103 5.58 9.34 20.68
C ARG B 103 4.15 9.85 20.52
N VAL B 104 3.17 8.96 20.64
CA VAL B 104 1.78 9.34 20.46
C VAL B 104 1.13 9.77 21.78
N LYS B 105 0.48 10.94 21.79
CA LYS B 105 -0.24 11.46 22.95
C LYS B 105 -1.75 11.46 22.71
N PHE B 106 -2.43 10.57 23.41
CA PHE B 106 -3.87 10.48 23.21
C PHE B 106 -4.65 11.48 24.01
N VAL B 107 -5.67 12.03 23.37
CA VAL B 107 -6.57 13.00 24.01
C VAL B 107 -8.03 12.59 23.77
N ASP B 108 -8.87 12.75 24.80
CA ASP B 108 -10.30 12.42 24.73
C ASP B 108 -11.02 13.27 23.70
N ILE B 109 -12.17 12.76 23.32
CA ILE B 109 -13.01 13.40 22.35
C ILE B 109 -14.12 14.09 23.10
N ASP B 110 -14.80 14.96 22.36
CA ASP B 110 -15.95 15.68 22.85
C ASP B 110 -17.09 14.73 22.48
N ILE B 111 -17.90 14.31 23.47
CA ILE B 111 -18.98 13.33 23.25
C ILE B 111 -20.07 13.88 22.35
N ASN B 112 -20.11 15.21 22.20
CA ASN B 112 -21.11 15.80 21.34
C ASN B 112 -20.66 15.86 19.90
N THR B 113 -19.50 16.49 19.66
CA THR B 113 -19.00 16.57 18.30
C THR B 113 -18.34 15.30 17.76
N LEU B 114 -17.91 14.44 18.67
CA LEU B 114 -17.18 13.18 18.41
C LEU B 114 -15.76 13.46 18.03
N ASN B 115 -15.41 14.74 17.97
CA ASN B 115 -14.02 15.15 17.65
C ASN B 115 -13.21 15.42 18.94
N ILE B 116 -11.90 15.61 18.79
CA ILE B 116 -10.99 15.80 19.91
C ILE B 116 -11.53 16.92 20.84
N ASP B 117 -11.48 16.67 22.13
CA ASP B 117 -11.99 17.63 23.06
C ASP B 117 -11.12 18.86 23.06
N ILE B 118 -11.70 19.98 22.71
CA ILE B 118 -10.91 21.18 22.65
C ILE B 118 -10.23 21.56 23.95
N GLU B 119 -11.03 21.65 25.01
CA GLU B 119 -10.42 21.96 26.27
C GLU B 119 -9.31 20.97 26.57
N SER B 120 -9.56 19.68 26.39
CA SER B 120 -8.49 18.72 26.69
C SER B 120 -7.29 18.92 25.78
N LEU B 121 -7.58 19.44 24.60
CA LEU B 121 -6.49 19.60 23.67
C LEU B 121 -5.60 20.72 24.19
N LYS B 122 -6.24 21.78 24.67
CA LYS B 122 -5.52 22.94 25.20
C LYS B 122 -4.56 22.53 26.34
N GLU B 123 -5.03 21.63 27.19
CA GLU B 123 -4.26 21.13 28.35
C GLU B 123 -3.06 20.30 27.92
N ALA B 124 -3.31 19.49 26.91
CA ALA B 124 -2.32 18.54 26.40
C ALA B 124 -1.11 19.11 25.66
N VAL B 125 -1.29 20.25 25.01
CA VAL B 125 -0.25 20.81 24.18
C VAL B 125 0.88 21.36 25.04
N THR B 126 2.06 20.75 24.95
CA THR B 126 3.21 21.20 25.74
C THR B 126 4.37 21.64 24.82
N ASP B 127 5.53 22.00 25.37
CA ASP B 127 6.61 22.42 24.49
C ASP B 127 7.17 21.26 23.66
N SER B 128 6.86 20.04 24.10
CA SER B 128 7.35 18.82 23.49
C SER B 128 6.43 18.39 22.36
N THR B 129 5.28 19.04 22.26
CA THR B 129 4.30 18.76 21.21
C THR B 129 4.82 19.26 19.89
N LYS B 130 5.03 18.33 18.95
CA LYS B 130 5.57 18.62 17.63
C LYS B 130 4.48 18.69 16.54
N ALA B 131 3.39 17.95 16.75
CA ALA B 131 2.33 17.90 15.77
C ALA B 131 0.97 17.57 16.38
N ILE B 132 -0.06 17.87 15.63
CA ILE B 132 -1.41 17.55 16.06
C ILE B 132 -2.09 16.93 14.84
N LEU B 133 -2.38 15.64 14.94
CA LEU B 133 -3.06 14.92 13.86
C LEU B 133 -4.58 14.92 14.18
N THR B 134 -5.27 15.90 13.64
CA THR B 134 -6.70 16.08 13.84
C THR B 134 -7.37 15.05 12.93
N VAL B 135 -8.59 14.70 13.29
CA VAL B 135 -9.37 13.76 12.50
C VAL B 135 -10.78 14.31 12.51
N ASN B 136 -11.35 14.57 11.33
CA ASN B 136 -12.72 15.12 11.22
C ASN B 136 -13.66 13.93 11.18
N LEU B 137 -14.24 13.61 12.33
CA LEU B 137 -15.03 12.41 12.46
C LEU B 137 -16.42 12.42 11.86
N LEU B 138 -16.67 11.37 11.10
CA LEU B 138 -17.97 11.09 10.54
C LEU B 138 -18.53 12.21 9.68
N GLY B 139 -17.66 13.08 9.20
CA GLY B 139 -18.21 14.13 8.36
C GLY B 139 -18.05 15.48 9.07
N ASN B 140 -17.85 15.41 10.37
CA ASN B 140 -17.77 16.62 11.16
C ASN B 140 -16.38 17.20 11.25
N PRO B 141 -16.19 18.42 10.71
CA PRO B 141 -14.85 19.05 10.81
C PRO B 141 -14.58 19.50 12.24
N ASN B 142 -13.30 19.59 12.56
CA ASN B 142 -12.88 20.11 13.86
C ASN B 142 -13.11 21.61 13.84
N ASN B 143 -13.08 22.24 15.02
CA ASN B 143 -13.19 23.68 14.98
C ASN B 143 -11.78 24.19 14.88
N PHE B 144 -11.36 24.45 13.65
CA PHE B 144 -9.99 24.85 13.37
C PHE B 144 -9.55 26.18 13.96
N ASP B 145 -10.52 27.05 14.22
CA ASP B 145 -10.23 28.33 14.88
C ASP B 145 -9.72 28.01 16.27
N GLU B 146 -10.52 27.27 17.03
CA GLU B 146 -10.10 26.95 18.38
C GLU B 146 -8.76 26.25 18.35
N ILE B 147 -8.61 25.34 17.38
CA ILE B 147 -7.39 24.56 17.29
C ILE B 147 -6.19 25.42 16.97
N ASN B 148 -6.37 26.30 16.00
CA ASN B 148 -5.27 27.19 15.64
C ASN B 148 -4.91 28.16 16.77
N LYS B 149 -5.89 28.55 17.57
CA LYS B 149 -5.65 29.42 18.72
C LYS B 149 -4.72 28.71 19.69
N ILE B 150 -5.07 27.46 19.99
CA ILE B 150 -4.28 26.62 20.87
C ILE B 150 -2.81 26.57 20.39
N ILE B 151 -2.61 26.30 19.10
CA ILE B 151 -1.25 26.20 18.55
C ILE B 151 -0.53 27.54 18.75
N GLY B 152 -1.26 28.64 18.53
CA GLY B 152 -0.75 29.98 18.77
C GLY B 152 0.67 30.25 18.27
N GLY B 153 0.84 30.27 16.96
CA GLY B 153 2.13 30.58 16.36
C GLY B 153 3.30 29.83 16.98
N ARG B 154 3.02 28.64 17.49
CA ARG B 154 4.09 27.82 18.02
C ARG B 154 4.46 26.84 16.90
N ASP B 155 5.61 26.20 17.05
CA ASP B 155 6.11 25.26 16.05
C ASP B 155 5.48 23.88 16.18
N ILE B 156 4.19 23.79 15.85
CA ILE B 156 3.44 22.53 15.94
C ILE B 156 2.76 22.30 14.60
N ILE B 157 3.09 21.21 13.95
CA ILE B 157 2.49 20.96 12.66
C ILE B 157 1.04 20.47 12.85
N LEU B 158 0.17 20.94 11.96
CA LEU B 158 -1.21 20.49 11.96
C LEU B 158 -1.43 19.59 10.75
N LEU B 159 -1.97 18.40 11.01
CA LEU B 159 -2.29 17.45 9.92
C LEU B 159 -3.76 17.15 10.05
N GLU B 160 -4.45 16.75 8.99
CA GLU B 160 -5.84 16.34 9.14
C GLU B 160 -5.97 15.00 8.49
N ASP B 161 -6.68 14.09 9.13
CA ASP B 161 -6.99 12.82 8.50
C ASP B 161 -8.45 13.16 8.11
N ASN B 162 -8.68 13.43 6.82
CA ASN B 162 -10.01 13.74 6.34
C ASN B 162 -10.70 12.62 5.55
N CYS B 163 -10.40 11.40 5.91
CA CYS B 163 -10.98 10.28 5.22
C CYS B 163 -12.47 10.06 5.46
N GLU B 164 -13.05 10.68 6.50
CA GLU B 164 -14.48 10.47 6.75
C GLU B 164 -15.25 11.72 6.45
N SER B 165 -14.54 12.81 6.13
CA SER B 165 -15.23 14.07 5.93
C SER B 165 -14.99 14.81 4.63
N MET B 166 -14.87 14.07 3.52
CA MET B 166 -14.75 14.73 2.24
C MET B 166 -15.97 15.65 2.07
N GLY B 167 -15.78 16.86 1.56
CA GLY B 167 -16.93 17.73 1.39
C GLY B 167 -17.39 18.57 2.59
N ALA B 168 -16.79 18.36 3.75
CA ALA B 168 -17.17 19.18 4.89
C ALA B 168 -16.49 20.52 4.70
N THR B 169 -17.05 21.58 5.29
CA THR B 169 -16.43 22.89 5.25
C THR B 169 -16.52 23.55 6.63
N PHE B 170 -15.55 24.41 6.95
CA PHE B 170 -15.57 25.15 8.20
C PHE B 170 -15.11 26.56 7.88
N ASN B 171 -16.02 27.50 8.08
CA ASN B 171 -15.73 28.87 7.71
C ASN B 171 -15.40 28.99 6.20
N ASN B 172 -16.20 28.39 5.32
CA ASN B 172 -15.95 28.50 3.88
C ASN B 172 -14.65 27.84 3.39
N LYS B 173 -13.95 27.15 4.30
CA LYS B 173 -12.71 26.45 3.93
C LYS B 173 -12.98 24.94 3.93
N CYS B 174 -12.56 24.24 2.89
CA CYS B 174 -12.84 22.81 2.85
C CYS B 174 -12.07 21.97 3.83
N ALA B 175 -12.74 21.05 4.53
CA ALA B 175 -12.01 20.14 5.44
C ALA B 175 -10.90 19.50 4.62
N GLY B 176 -9.78 19.16 5.28
CA GLY B 176 -8.62 18.58 4.60
C GLY B 176 -7.61 19.67 4.22
N THR B 177 -8.06 20.91 4.13
CA THR B 177 -7.14 21.96 3.71
C THR B 177 -6.61 22.89 4.79
N PHE B 178 -7.00 22.64 6.03
CA PHE B 178 -6.49 23.48 7.12
C PHE B 178 -5.05 23.11 7.50
N GLY B 179 -4.77 21.80 7.46
CA GLY B 179 -3.48 21.24 7.81
C GLY B 179 -2.37 21.47 6.78
N LEU B 180 -1.15 21.19 7.21
CA LEU B 180 -0.01 21.23 6.29
C LEU B 180 -0.31 20.18 5.20
N MET B 181 -0.92 19.09 5.66
CA MET B 181 -1.40 17.99 4.79
C MET B 181 -2.78 17.57 5.22
N GLY B 182 -3.51 17.00 4.26
CA GLY B 182 -4.84 16.48 4.52
C GLY B 182 -5.06 15.19 3.74
N THR B 183 -5.64 14.20 4.39
CA THR B 183 -5.88 12.94 3.68
C THR B 183 -7.34 12.68 3.37
N PHE B 184 -7.62 12.02 2.25
CA PHE B 184 -8.98 11.63 1.89
C PHE B 184 -8.99 10.16 1.47
N SER B 185 -10.18 9.56 1.52
CA SER B 185 -10.35 8.18 1.08
C SER B 185 -11.44 8.16 0.04
N SER B 186 -11.30 7.27 -0.95
CA SER B 186 -12.39 7.09 -1.92
C SER B 186 -12.79 5.61 -1.92
N PHE B 187 -12.87 5.03 -0.72
CA PHE B 187 -13.34 3.64 -0.61
C PHE B 187 -14.84 3.59 -0.94
N TYR B 188 -15.37 2.40 -1.29
CA TYR B 188 -16.77 2.21 -1.65
C TYR B 188 -17.79 2.85 -0.73
N SER B 189 -17.63 2.68 0.58
CA SER B 189 -18.64 3.19 1.50
C SER B 189 -18.46 4.65 1.90
N ASN B 190 -17.65 5.39 1.12
CA ASN B 190 -17.29 6.75 1.42
C ASN B 190 -18.06 7.78 0.59
N HIS B 191 -17.67 9.06 0.71
CA HIS B 191 -18.35 10.12 -0.03
C HIS B 191 -18.30 9.91 -1.53
N ILE B 192 -17.16 9.47 -2.04
CA ILE B 192 -16.99 9.13 -3.46
C ILE B 192 -16.30 7.77 -3.44
N ALA B 193 -16.38 7.03 -4.55
CA ALA B 193 -15.82 5.69 -4.56
C ALA B 193 -15.11 5.32 -5.84
N THR B 194 -13.86 4.86 -5.75
CA THR B 194 -13.07 4.51 -6.92
C THR B 194 -12.57 3.07 -6.70
N MET B 195 -13.40 2.24 -6.10
CA MET B 195 -13.05 0.87 -5.73
C MET B 195 -12.22 0.93 -4.43
N GLU B 196 -10.98 1.43 -4.48
CA GLU B 196 -10.20 1.73 -3.31
C GLU B 196 -9.54 3.03 -3.78
N GLY B 197 -9.05 3.86 -2.87
CA GLY B 197 -8.37 5.05 -3.33
C GLY B 197 -8.16 5.99 -2.14
N GLY B 198 -7.11 6.80 -2.22
CA GLY B 198 -6.85 7.79 -1.20
C GLY B 198 -6.18 9.00 -1.88
N CYS B 199 -6.01 10.09 -1.14
CA CYS B 199 -5.38 11.27 -1.72
CA CYS B 199 -5.37 11.28 -1.71
C CYS B 199 -4.81 12.09 -0.59
N ILE B 200 -3.67 12.73 -0.87
CA ILE B 200 -3.05 13.63 0.11
C ILE B 200 -3.04 14.95 -0.62
N VAL B 201 -3.45 16.01 0.09
CA VAL B 201 -3.44 17.34 -0.49
C VAL B 201 -2.51 18.20 0.41
N THR B 202 -1.90 19.19 -0.23
CA THR B 202 -0.99 20.12 0.44
C THR B 202 -0.80 21.35 -0.43
N ASP B 203 -0.23 22.38 0.18
CA ASP B 203 0.03 23.62 -0.54
C ASP B 203 1.55 23.72 -0.65
N ASP B 204 2.23 22.83 0.08
CA ASP B 204 3.66 22.77 0.10
C ASP B 204 4.29 22.02 -1.08
N GLU B 205 5.04 22.75 -1.90
CA GLU B 205 5.70 22.17 -3.06
C GLU B 205 6.74 21.12 -2.70
N GLU B 206 7.47 21.27 -1.58
CA GLU B 206 8.47 20.26 -1.16
C GLU B 206 7.79 18.95 -0.74
N ILE B 207 6.77 19.09 0.09
CA ILE B 207 5.99 17.95 0.54
C ILE B 207 5.40 17.25 -0.69
N TYR B 208 4.81 18.02 -1.60
CA TYR B 208 4.25 17.53 -2.87
C TYR B 208 5.28 16.67 -3.62
N HIS B 209 6.46 17.22 -3.86
CA HIS B 209 7.48 16.42 -4.50
C HIS B 209 7.88 15.20 -3.67
N ILE B 210 7.99 15.35 -2.35
CA ILE B 210 8.38 14.20 -1.53
C ILE B 210 7.33 13.12 -1.69
N LEU B 211 6.09 13.54 -1.76
CA LEU B 211 4.99 12.59 -1.90
C LEU B 211 5.11 11.86 -3.23
N LEU B 212 5.37 12.60 -4.30
CA LEU B 212 5.49 12.00 -5.64
C LEU B 212 6.60 10.96 -5.71
N CYS B 213 7.65 11.19 -4.96
CA CYS B 213 8.78 10.24 -4.92
C CYS B 213 8.47 8.98 -4.11
N ILE B 214 7.95 9.16 -2.89
CA ILE B 214 7.70 8.01 -2.03
C ILE B 214 6.47 7.18 -2.39
N ARG B 215 5.58 7.75 -3.22
CA ARG B 215 4.39 7.01 -3.66
C ARG B 215 4.85 5.92 -4.57
N ALA B 216 5.99 6.12 -5.24
CA ALA B 216 6.38 5.15 -6.23
C ALA B 216 7.85 4.77 -6.21
N HIS B 217 8.17 3.78 -5.41
CA HIS B 217 9.52 3.23 -5.35
C HIS B 217 10.65 4.10 -4.86
N GLY B 218 10.37 5.36 -4.53
CA GLY B 218 11.41 6.26 -4.06
C GLY B 218 12.30 6.71 -5.22
N TRP B 219 11.80 6.56 -6.44
CA TRP B 219 12.56 6.92 -7.61
C TRP B 219 12.23 8.34 -8.10
N THR B 220 12.92 8.78 -9.14
CA THR B 220 12.71 10.14 -9.57
C THR B 220 11.81 10.28 -10.78
N ARG B 221 11.24 9.19 -11.24
CA ARG B 221 10.48 9.25 -12.46
C ARG B 221 9.35 10.26 -12.52
N ASN B 222 8.66 10.45 -11.41
CA ASN B 222 7.47 11.27 -11.43
C ASN B 222 7.77 12.64 -10.95
N LEU B 223 9.06 12.89 -10.72
CA LEU B 223 9.51 14.21 -10.31
C LEU B 223 9.82 15.03 -11.57
N PRO B 224 9.58 16.33 -11.50
CA PRO B 224 9.88 17.22 -12.63
C PRO B 224 11.42 17.40 -12.66
N LYS B 225 11.95 17.89 -13.78
CA LYS B 225 13.40 18.07 -13.92
C LYS B 225 14.01 18.88 -12.78
N LYS B 226 13.32 19.94 -12.40
CA LYS B 226 13.77 20.71 -11.27
C LYS B 226 12.76 20.32 -10.20
N ASN B 227 13.22 19.82 -9.06
CA ASN B 227 12.27 19.39 -8.03
C ASN B 227 12.95 19.57 -6.71
N LYS B 228 12.15 19.62 -5.64
CA LYS B 228 12.70 19.81 -4.31
C LYS B 228 13.41 18.63 -3.71
N VAL B 229 13.37 17.48 -4.38
CA VAL B 229 13.97 16.32 -3.74
C VAL B 229 15.38 16.14 -4.19
N THR B 230 15.59 16.22 -5.49
CA THR B 230 16.93 15.99 -5.99
C THR B 230 17.45 17.26 -6.64
N GLY B 231 16.66 18.33 -6.58
CA GLY B 231 17.13 19.59 -7.10
C GLY B 231 17.01 19.61 -8.60
N VAL B 232 17.97 19.00 -9.28
CA VAL B 232 17.90 18.99 -10.74
C VAL B 232 18.15 17.62 -11.33
N LYS B 233 17.20 17.14 -12.13
CA LYS B 233 17.32 15.82 -12.74
C LYS B 233 18.35 15.77 -13.86
N SER B 234 18.99 14.63 -14.06
CA SER B 234 19.93 14.48 -15.16
C SER B 234 19.14 14.26 -16.43
N ASP B 235 19.75 14.56 -17.57
CA ASP B 235 19.11 14.41 -18.85
C ASP B 235 19.22 13.02 -19.42
N ASP B 236 20.15 12.27 -18.86
CA ASP B 236 20.43 10.89 -19.27
C ASP B 236 19.39 9.98 -18.58
N GLN B 237 18.43 9.50 -19.33
CA GLN B 237 17.39 8.65 -18.76
C GLN B 237 17.94 7.34 -18.22
N PHE B 238 18.92 6.75 -18.89
CA PHE B 238 19.48 5.53 -18.33
C PHE B 238 19.87 5.81 -16.88
N GLU B 239 20.27 7.04 -16.59
CA GLU B 239 20.66 7.51 -15.25
C GLU B 239 19.46 7.74 -14.35
N GLU B 240 18.41 8.37 -14.88
CA GLU B 240 17.20 8.59 -14.10
C GLU B 240 16.16 7.47 -14.25
N SER B 241 16.51 6.41 -14.98
CA SER B 241 15.60 5.28 -15.14
C SER B 241 15.25 4.74 -13.76
N PHE B 242 16.27 4.22 -13.09
CA PHE B 242 16.15 3.62 -11.76
C PHE B 242 17.14 4.34 -10.80
N LYS B 243 16.82 5.56 -10.46
CA LYS B 243 17.61 6.31 -9.51
C LYS B 243 16.69 6.30 -8.23
N PHE B 244 17.20 5.79 -7.12
CA PHE B 244 16.42 5.66 -5.89
C PHE B 244 16.91 6.61 -4.79
N VAL B 245 16.04 7.51 -4.34
CA VAL B 245 16.44 8.60 -3.42
C VAL B 245 15.80 8.84 -2.06
N LEU B 246 14.63 8.27 -1.81
CA LEU B 246 13.96 8.36 -0.51
C LEU B 246 13.43 6.95 -0.23
N PRO B 247 13.43 6.52 1.04
CA PRO B 247 12.87 5.20 1.40
C PRO B 247 11.34 5.27 1.30
N GLY B 248 10.79 4.90 0.14
CA GLY B 248 9.35 4.96 -0.08
C GLY B 248 8.61 3.60 -0.23
N TYR B 249 7.51 3.65 -0.98
CA TYR B 249 6.68 2.46 -1.15
C TYR B 249 6.23 2.44 -2.57
N ASN B 250 5.48 1.40 -2.92
CA ASN B 250 4.74 1.47 -4.16
C ASN B 250 3.30 1.46 -3.65
N VAL B 251 2.64 2.63 -3.59
CA VAL B 251 1.23 2.75 -3.23
C VAL B 251 0.48 3.52 -4.32
N ARG B 252 0.87 3.27 -5.56
CA ARG B 252 0.24 3.93 -6.66
C ARG B 252 -1.22 3.45 -6.79
N PRO B 253 -2.12 4.31 -7.27
CA PRO B 253 -3.50 3.87 -7.46
C PRO B 253 -3.52 3.36 -8.89
N LEU B 254 -4.63 2.76 -9.30
CA LEU B 254 -4.76 2.27 -10.68
C LEU B 254 -5.28 3.37 -11.59
N GLU B 255 -4.97 3.28 -12.89
CA GLU B 255 -5.51 4.29 -13.80
C GLU B 255 -7.06 4.33 -13.81
N MET B 256 -7.67 3.18 -13.60
CA MET B 256 -9.11 3.10 -13.56
C MET B 256 -9.66 3.92 -12.40
N SER B 257 -8.97 3.86 -11.26
CA SER B 257 -9.44 4.60 -10.10
C SER B 257 -9.47 6.10 -10.37
N GLY B 258 -8.46 6.59 -11.07
CA GLY B 258 -8.37 8.01 -11.39
C GLY B 258 -9.50 8.37 -12.38
N ALA B 259 -9.81 7.49 -13.33
CA ALA B 259 -10.86 7.79 -14.29
C ALA B 259 -12.21 7.87 -13.61
N ILE B 260 -12.47 6.89 -12.76
CA ILE B 260 -13.72 6.82 -12.05
C ILE B 260 -13.80 8.09 -11.20
N GLY B 261 -12.67 8.41 -10.55
CA GLY B 261 -12.69 9.53 -9.60
C GLY B 261 -13.12 10.86 -10.24
N ILE B 262 -12.71 11.07 -11.48
CA ILE B 262 -13.00 12.33 -12.15
C ILE B 262 -14.52 12.49 -12.28
N GLU B 263 -15.18 11.36 -12.54
CA GLU B 263 -16.61 11.36 -12.76
C GLU B 263 -17.22 11.65 -11.43
N GLN B 264 -16.69 11.02 -10.38
CA GLN B 264 -17.19 11.17 -9.00
C GLN B 264 -17.11 12.62 -8.50
N LEU B 265 -16.01 13.30 -8.77
CA LEU B 265 -15.82 14.68 -8.35
C LEU B 265 -16.94 15.56 -8.94
N LYS B 266 -17.40 15.24 -10.14
CA LYS B 266 -18.46 16.08 -10.66
C LYS B 266 -19.74 15.91 -9.90
N LYS B 267 -19.98 14.72 -9.37
CA LYS B 267 -21.23 14.48 -8.68
C LYS B 267 -21.19 14.90 -7.21
N LEU B 268 -19.98 15.02 -6.67
CA LEU B 268 -19.83 15.33 -5.25
C LEU B 268 -20.75 16.38 -4.62
N PRO B 269 -20.87 17.53 -5.28
CA PRO B 269 -21.66 18.62 -4.71
C PRO B 269 -23.09 18.16 -4.46
N ARG B 270 -23.63 17.43 -5.42
CA ARG B 270 -24.97 16.93 -5.29
C ARG B 270 -24.98 15.84 -4.20
N PHE B 271 -23.94 15.03 -4.18
CA PHE B 271 -23.94 14.00 -3.17
C PHE B 271 -23.95 14.73 -1.82
N ILE B 272 -23.19 15.81 -1.67
CA ILE B 272 -23.14 16.45 -0.35
C ILE B 272 -24.52 17.06 0.00
N SER B 273 -25.14 17.65 -1.00
CA SER B 273 -26.46 18.24 -0.83
CA SER B 273 -26.45 18.24 -0.79
C SER B 273 -27.47 17.23 -0.29
N VAL B 274 -27.54 16.06 -0.96
CA VAL B 274 -28.49 15.01 -0.58
C VAL B 274 -28.23 14.53 0.83
N ARG B 275 -26.95 14.26 1.10
CA ARG B 275 -26.54 13.80 2.42
C ARG B 275 -26.91 14.81 3.50
N ARG B 276 -26.64 16.10 3.26
CA ARG B 276 -27.06 17.09 4.27
C ARG B 276 -28.58 17.19 4.40
N LYS B 277 -29.34 17.03 3.32
CA LYS B 277 -30.79 17.10 3.51
C LYS B 277 -31.23 15.89 4.32
N ASN B 278 -30.52 14.78 4.13
CA ASN B 278 -30.90 13.60 4.89
C ASN B 278 -30.63 13.92 6.33
N ALA B 279 -29.52 14.61 6.56
CA ALA B 279 -29.11 14.91 7.94
C ALA B 279 -30.15 15.82 8.58
N GLU B 280 -30.74 16.70 7.79
CA GLU B 280 -31.71 17.63 8.34
C GLU B 280 -32.93 16.90 8.85
N TYR B 281 -33.42 15.97 8.04
CA TYR B 281 -34.59 15.18 8.43
C TYR B 281 -34.27 14.29 9.65
N PHE B 282 -33.12 13.66 9.57
CA PHE B 282 -32.65 12.81 10.68
C PHE B 282 -32.67 13.59 12.02
N LEU B 283 -32.04 14.77 12.02
CA LEU B 283 -31.96 15.59 13.21
C LEU B 283 -33.36 15.99 13.67
N ASP B 284 -34.21 16.34 12.71
CA ASP B 284 -35.55 16.76 13.08
C ASP B 284 -36.27 15.54 13.68
N LYS B 285 -35.98 14.38 13.13
CA LYS B 285 -36.63 13.20 13.67
C LYS B 285 -36.14 12.63 15.02
N PHE B 286 -34.87 12.84 15.32
CA PHE B 286 -34.28 12.30 16.53
C PHE B 286 -33.89 13.39 17.53
N LYS B 287 -34.26 14.64 17.27
CA LYS B 287 -33.81 15.71 18.14
C LYS B 287 -34.12 15.61 19.64
N ASP B 288 -35.31 15.12 19.97
CA ASP B 288 -35.64 14.96 21.38
C ASP B 288 -35.74 13.49 21.72
N HIS B 289 -34.84 12.70 21.16
CA HIS B 289 -34.96 11.31 21.44
C HIS B 289 -34.83 11.10 22.92
N PRO B 290 -35.67 10.22 23.47
CA PRO B 290 -35.69 9.96 24.91
C PRO B 290 -34.47 9.22 25.40
N TYR B 291 -33.78 8.48 24.55
CA TYR B 291 -32.62 7.76 25.07
C TYR B 291 -31.37 7.76 24.21
N LEU B 292 -31.40 8.55 23.13
CA LEU B 292 -30.24 8.59 22.26
C LEU B 292 -29.80 9.99 21.92
N ASP B 293 -28.49 10.25 22.03
CA ASP B 293 -27.95 11.56 21.62
C ASP B 293 -27.39 11.44 20.21
N VAL B 294 -27.48 12.53 19.45
CA VAL B 294 -26.92 12.52 18.10
C VAL B 294 -25.65 13.38 18.01
N GLN B 295 -25.02 13.46 16.85
CA GLN B 295 -23.80 14.24 16.73
C GLN B 295 -24.12 15.75 16.63
N GLN B 296 -23.37 16.53 17.40
CA GLN B 296 -23.47 17.98 17.33
C GLN B 296 -22.56 18.43 16.21
N GLU B 297 -23.17 19.09 15.23
CA GLU B 297 -22.46 19.60 14.06
C GLU B 297 -21.56 20.82 14.30
N THR B 298 -20.37 20.78 13.71
CA THR B 298 -19.43 21.92 13.71
C THR B 298 -19.34 22.36 12.21
N GLY B 299 -19.34 23.66 11.91
CA GLY B 299 -19.30 24.14 10.51
C GLY B 299 -20.40 23.50 9.66
N GLU B 300 -20.03 23.03 8.48
CA GLU B 300 -20.97 22.32 7.61
C GLU B 300 -20.50 20.87 7.40
N SER B 301 -21.05 19.98 8.20
CA SER B 301 -20.65 18.58 8.14
C SER B 301 -21.06 17.92 6.83
N SER B 302 -20.30 16.91 6.40
CA SER B 302 -20.67 16.18 5.18
C SER B 302 -21.39 14.90 5.59
N TRP B 303 -21.64 14.74 6.89
CA TRP B 303 -22.46 13.64 7.40
C TRP B 303 -22.18 12.28 6.78
N PHE B 304 -21.08 11.67 7.18
CA PHE B 304 -20.66 10.41 6.60
C PHE B 304 -21.67 9.32 6.96
N GLY B 305 -22.13 9.41 8.20
CA GLY B 305 -23.12 8.47 8.76
C GLY B 305 -23.84 9.14 9.90
N PHE B 306 -24.78 8.44 10.50
CA PHE B 306 -25.57 8.95 11.61
C PHE B 306 -25.27 8.24 12.91
N SER B 307 -24.57 8.92 13.82
CA SER B 307 -24.21 8.32 15.09
C SER B 307 -25.30 8.47 16.13
N PHE B 308 -25.27 7.55 17.09
CA PHE B 308 -26.13 7.57 18.27
C PHE B 308 -25.29 7.22 19.47
N ILE B 309 -25.65 7.80 20.61
CA ILE B 309 -25.00 7.52 21.88
C ILE B 309 -26.13 7.46 22.92
N ILE B 310 -26.17 6.32 23.61
CA ILE B 310 -27.18 6.06 24.61
C ILE B 310 -26.94 6.99 25.76
N LYS B 311 -28.01 7.67 26.15
CA LYS B 311 -28.01 8.59 27.27
C LYS B 311 -27.78 7.85 28.59
N LYS B 312 -26.90 8.43 29.39
CA LYS B 312 -26.59 7.94 30.72
C LYS B 312 -27.89 7.75 31.50
N ASP B 313 -27.94 6.66 32.26
CA ASP B 313 -29.10 6.35 33.09
C ASP B 313 -30.36 5.99 32.30
N SER B 314 -30.21 5.55 31.06
CA SER B 314 -31.39 5.21 30.28
C SER B 314 -31.83 3.77 30.50
N GLY B 315 -30.95 2.94 31.03
CA GLY B 315 -31.33 1.54 31.20
C GLY B 315 -31.47 0.83 29.84
N VAL B 316 -30.91 1.46 28.81
CA VAL B 316 -30.93 0.90 27.46
C VAL B 316 -29.56 0.34 27.14
N ILE B 317 -29.55 -0.87 26.57
CA ILE B 317 -28.32 -1.58 26.25
C ILE B 317 -27.98 -1.60 24.76
N ARG B 318 -26.77 -1.16 24.41
CA ARG B 318 -26.35 -1.22 23.01
C ARG B 318 -26.68 -2.54 22.30
N LYS B 319 -26.21 -3.64 22.83
CA LYS B 319 -26.50 -4.92 22.19
C LYS B 319 -27.98 -4.99 21.76
N GLN B 320 -28.88 -4.51 22.59
CA GLN B 320 -30.28 -4.58 22.22
C GLN B 320 -30.58 -3.77 20.98
N LEU B 321 -30.13 -2.55 20.94
CA LEU B 321 -30.41 -1.73 19.78
C LEU B 321 -29.80 -2.34 18.53
N VAL B 322 -28.65 -2.96 18.71
CA VAL B 322 -27.96 -3.60 17.60
C VAL B 322 -28.84 -4.70 16.98
N GLU B 323 -29.34 -5.56 17.84
CA GLU B 323 -30.22 -6.68 17.45
C GLU B 323 -31.45 -6.12 16.79
N ASN B 324 -31.97 -5.08 17.43
CA ASN B 324 -33.16 -4.43 16.93
C ASN B 324 -32.95 -3.90 15.55
N LEU B 325 -31.80 -3.30 15.32
CA LEU B 325 -31.51 -2.71 14.01
C LEU B 325 -31.38 -3.83 12.97
N ASN B 326 -30.66 -4.88 13.33
CA ASN B 326 -30.44 -5.91 12.36
C ASN B 326 -31.70 -6.62 11.96
N SER B 327 -32.55 -6.85 12.97
CA SER B 327 -33.83 -7.47 12.79
C SER B 327 -34.56 -6.69 11.73
N ALA B 328 -34.48 -5.37 11.83
CA ALA B 328 -35.17 -4.47 10.90
C ALA B 328 -34.50 -4.41 9.55
N GLY B 329 -33.30 -4.97 9.43
CA GLY B 329 -32.56 -4.91 8.19
C GLY B 329 -31.78 -3.60 8.06
N ILE B 330 -31.44 -3.00 9.21
CA ILE B 330 -30.68 -1.76 9.21
C ILE B 330 -29.22 -2.05 9.62
N GLU B 331 -28.30 -1.87 8.69
CA GLU B 331 -26.91 -2.21 8.91
C GLU B 331 -26.33 -1.18 9.91
N CYS B 332 -25.50 -1.63 10.84
CA CYS B 332 -24.90 -0.68 11.77
C CYS B 332 -23.45 -1.05 12.09
N ARG B 333 -22.74 -0.12 12.74
CA ARG B 333 -21.31 -0.30 13.05
C ARG B 333 -21.04 0.39 14.40
N PRO B 334 -19.96 0.02 15.09
CA PRO B 334 -19.58 0.79 16.27
C PRO B 334 -19.07 2.13 15.68
N ILE B 335 -18.84 3.14 16.52
CA ILE B 335 -18.30 4.39 15.99
C ILE B 335 -16.81 4.19 15.74
N VAL B 336 -16.49 3.68 14.55
CA VAL B 336 -15.12 3.39 14.15
C VAL B 336 -14.27 2.63 15.17
N THR B 337 -13.08 3.13 15.55
CA THR B 337 -12.24 2.40 16.55
C THR B 337 -12.88 2.33 17.95
N GLY B 338 -13.86 3.21 18.21
CA GLY B 338 -14.43 3.34 19.55
C GLY B 338 -13.26 3.93 20.32
N ASN B 339 -13.14 3.57 21.59
CA ASN B 339 -11.99 4.03 22.37
C ASN B 339 -10.76 3.22 21.99
N PHE B 340 -9.92 3.81 21.15
CA PHE B 340 -8.75 3.10 20.71
C PHE B 340 -7.89 2.70 21.89
N LEU B 341 -7.99 3.36 23.04
CA LEU B 341 -7.09 2.96 24.09
C LEU B 341 -7.34 1.61 24.66
N LYS B 342 -8.42 0.99 24.25
CA LYS B 342 -8.68 -0.32 24.75
C LYS B 342 -7.75 -1.31 24.10
N ASN B 343 -7.15 -0.93 22.99
CA ASN B 343 -6.35 -1.85 22.19
C ASN B 343 -4.97 -2.17 22.73
N THR B 344 -4.96 -2.96 23.79
CA THR B 344 -3.72 -3.39 24.41
C THR B 344 -2.88 -4.21 23.44
N ASP B 345 -3.54 -4.96 22.55
CA ASP B 345 -2.85 -5.82 21.60
C ASP B 345 -1.95 -5.08 20.63
N VAL B 346 -2.48 -3.95 20.14
CA VAL B 346 -1.79 -3.08 19.21
C VAL B 346 -0.89 -2.08 19.94
N LEU B 347 -1.41 -1.61 21.07
CA LEU B 347 -0.75 -0.59 21.84
C LEU B 347 0.58 -1.01 22.40
N LYS B 348 0.73 -2.30 22.60
CA LYS B 348 2.01 -2.78 23.09
C LYS B 348 3.17 -2.45 22.19
N TYR B 349 2.89 -2.09 20.94
CA TYR B 349 3.94 -1.78 19.98
C TYR B 349 4.20 -0.28 19.89
N PHE B 350 3.38 0.48 20.62
CA PHE B 350 3.49 1.94 20.60
C PHE B 350 4.30 2.51 21.75
N ASP B 351 4.78 3.72 21.53
CA ASP B 351 5.42 4.54 22.54
C ASP B 351 4.36 5.63 22.70
N TYR B 352 3.48 5.53 23.69
CA TYR B 352 2.44 6.52 23.79
C TYR B 352 2.11 6.84 25.22
N THR B 353 1.28 7.87 25.38
CA THR B 353 0.81 8.28 26.69
C THR B 353 -0.64 8.72 26.52
N VAL B 354 -1.35 8.83 27.63
CA VAL B 354 -2.69 9.35 27.58
C VAL B 354 -2.79 10.66 28.36
N HIS B 355 -3.34 11.68 27.72
CA HIS B 355 -3.56 12.92 28.43
C HIS B 355 -4.78 12.80 29.31
N ASN B 356 -4.59 13.04 30.61
CA ASN B 356 -5.66 13.11 31.57
C ASN B 356 -6.39 11.78 31.57
N ASN B 357 -7.51 11.76 30.88
CA ASN B 357 -8.22 10.50 30.77
C ASN B 357 -9.02 10.52 29.45
N VAL B 358 -9.58 9.39 29.10
CA VAL B 358 -10.43 9.34 27.92
C VAL B 358 -11.76 8.75 28.33
N ASP B 359 -12.34 9.31 29.38
CA ASP B 359 -13.65 8.81 29.83
C ASP B 359 -14.74 8.90 28.77
N ASN B 360 -14.74 9.99 28.02
CA ASN B 360 -15.76 10.17 27.01
C ASN B 360 -15.60 9.11 25.95
N ALA B 361 -14.37 8.86 25.53
CA ALA B 361 -14.07 7.87 24.50
C ALA B 361 -14.53 6.52 25.04
N GLU B 362 -14.35 6.29 26.34
CA GLU B 362 -14.81 5.06 26.95
C GLU B 362 -16.33 4.95 26.93
N TYR B 363 -17.00 6.04 27.28
CA TYR B 363 -18.45 6.02 27.30
C TYR B 363 -18.99 5.75 25.89
N LEU B 364 -18.35 6.36 24.90
CA LEU B 364 -18.77 6.18 23.51
C LEU B 364 -18.53 4.71 23.14
N ASP B 365 -17.41 4.17 23.62
CA ASP B 365 -17.07 2.82 23.28
C ASP B 365 -18.14 1.83 23.69
N LYS B 366 -18.82 2.07 24.81
CA LYS B 366 -19.87 1.15 25.25
C LYS B 366 -21.24 1.52 24.76
N ASN B 367 -21.47 2.81 24.59
CA ASN B 367 -22.80 3.29 24.27
C ASN B 367 -23.07 3.82 22.87
N GLY B 368 -22.05 3.75 22.01
CA GLY B 368 -22.16 4.30 20.67
C GLY B 368 -22.20 3.37 19.48
N LEU B 369 -22.77 3.87 18.40
CA LEU B 369 -22.90 3.11 17.15
C LEU B 369 -23.29 4.08 16.02
N PHE B 370 -23.29 3.62 14.78
CA PHE B 370 -23.80 4.49 13.76
C PHE B 370 -24.51 3.74 12.65
N VAL B 371 -25.40 4.44 11.97
CA VAL B 371 -26.14 3.87 10.84
C VAL B 371 -25.78 4.67 9.62
N GLY B 372 -26.20 4.20 8.45
CA GLY B 372 -25.70 4.91 7.31
C GLY B 372 -26.30 6.22 6.82
N ASN B 373 -25.47 6.96 6.11
CA ASN B 373 -26.04 8.09 5.35
C ASN B 373 -25.63 7.84 3.88
N HIS B 374 -26.44 8.24 2.93
CA HIS B 374 -26.11 8.02 1.52
C HIS B 374 -26.32 9.28 0.71
N GLN B 375 -25.86 9.26 -0.54
CA GLN B 375 -26.00 10.38 -1.47
C GLN B 375 -27.35 10.34 -2.18
N ILE B 376 -28.24 9.48 -1.69
CA ILE B 376 -29.60 9.28 -2.18
C ILE B 376 -30.54 9.59 -0.99
N GLU B 377 -31.71 10.21 -1.21
CA GLU B 377 -32.61 10.51 -0.09
C GLU B 377 -32.90 9.27 0.71
N LEU B 378 -33.06 9.44 2.02
CA LEU B 378 -33.33 8.33 2.91
C LEU B 378 -34.56 8.60 3.80
N PHE B 379 -35.53 9.37 3.31
CA PHE B 379 -36.67 9.69 4.16
C PHE B 379 -37.41 8.53 4.75
N ASP B 380 -37.70 7.51 3.93
CA ASP B 380 -38.43 6.34 4.46
C ASP B 380 -37.59 5.55 5.43
N GLU B 381 -36.32 5.44 5.09
CA GLU B 381 -35.38 4.71 5.90
C GLU B 381 -35.21 5.37 7.27
N ILE B 382 -35.25 6.69 7.30
CA ILE B 382 -35.10 7.39 8.58
C ILE B 382 -36.36 7.28 9.45
N ASP B 383 -37.51 7.33 8.79
CA ASP B 383 -38.78 7.19 9.52
C ASP B 383 -38.71 5.81 10.18
N TYR B 384 -38.25 4.88 9.37
CA TYR B 384 -38.21 3.50 9.80
C TYR B 384 -37.29 3.39 11.00
N LEU B 385 -36.11 3.96 10.85
CA LEU B 385 -35.11 3.94 11.89
C LEU B 385 -35.67 4.52 13.20
N ARG B 386 -36.40 5.64 13.07
CA ARG B 386 -37.06 6.28 14.23
C ARG B 386 -38.13 5.40 14.92
N GLU B 387 -38.86 4.60 14.12
CA GLU B 387 -39.84 3.67 14.65
CA GLU B 387 -39.84 3.69 14.70
C GLU B 387 -39.14 2.49 15.36
N VAL B 388 -38.04 2.03 14.78
CA VAL B 388 -37.29 0.92 15.39
C VAL B 388 -36.64 1.31 16.73
N LEU B 389 -36.07 2.51 16.79
CA LEU B 389 -35.41 3.02 17.99
C LEU B 389 -36.41 3.87 18.80
N LYS B 390 -37.54 3.27 19.10
CA LYS B 390 -38.57 3.94 19.84
C LYS B 390 -38.48 3.55 21.33
#